data_7U3M
#
_entry.id   7U3M
#
_cell.length_a   80.750
_cell.length_b   80.750
_cell.length_c   248.874
_cell.angle_alpha   90.000
_cell.angle_beta   90.000
_cell.angle_gamma   120.000
#
_symmetry.space_group_name_H-M   'P 31 2 1'
#
loop_
_entity.id
_entity.type
_entity.pdbx_description
1 polymer 'Polyamine deacetylase HDAC10'
2 non-polymer N-hydroxy-4-[(4-methylpiperazin-1-yl)methyl]benzamide
3 non-polymer 'ZINC ION'
4 non-polymer 'POTASSIUM ION'
5 non-polymer 'PHOSPHATE ION'
6 water water
#
_entity_poly.entity_id   1
_entity_poly.type   'polypeptide(L)'
_entity_poly.pdbx_seq_one_letter_code
;AASGSALIFDEEMSRYKLLWTDPECEIEVPERLTVSYEALRTHGLAQRCKAVPVRQATEQEILLAHSEEYLEAVKQTPGM
NVEELMAFSKKYNAVYFHQNIYHCAKLAAGATLQLVDSVMKREVRNGMALVRPPGHHSQRSAANGFCVFNNVAFAALYAK
KNYNLNRILIVDWDVHHGQGIQYCFEEDPSVLYFSWHRYEHQSFWPNLPESDYSSVGKGKGSGFNINLPWNKVGMTNSDY
LAAFFHVLLPVAYEFDPELVIVSAGFDSAIGDPEGEMCALPEIFAHLTHLLMPLAAGKMCVVLEGGYNLTSLGQSVCQTV
HSLLGDPTPRISGLGTACDSALESIQNVRNVQSSYWSSFKHLAQSETNPKRPRLDATNGGPKESSEPASESNPKKTAQDI
VWPEPLKRMPASVRTVVVPPPGVELTLPKNCQHSGDISESTAKEVQRIRDKHFHDLTDQNILRSLGNIISVLDRMMRSDE
VCNGCVVVSDLSVSVQCALQHALTEPAERVLVVYVGDGELPVKTNDGKVFLVQICTKETEDKCVNRLTLCLREGESLTAG
FMQALLGLILPVAYEFNPALVLGIVEETAAKTRLMRVWGHMTCLIQGLARGRMLTLLQGYDKDLLELTVSALSGASISPL
GPLRAPKPEDVEMMEKQRQRLQERWGLLRCTVSESW
;
_entity_poly.pdbx_strand_id   A
#
# COMPACT_ATOMS: atom_id res chain seq x y z
N ALA A 1 22.14 -2.97 1.05
CA ALA A 1 20.75 -3.38 1.27
C ALA A 1 20.19 -4.06 0.01
N ALA A 2 19.07 -4.76 0.18
CA ALA A 2 18.50 -5.59 -0.88
C ALA A 2 18.05 -4.71 -2.07
N SER A 3 17.92 -5.34 -3.26
CA SER A 3 17.77 -4.56 -4.49
C SER A 3 16.47 -4.85 -5.23
N GLY A 4 16.32 -6.00 -5.86
CA GLY A 4 15.26 -6.23 -6.83
C GLY A 4 14.03 -6.91 -6.25
N SER A 5 13.24 -7.53 -7.13
CA SER A 5 11.94 -8.13 -6.83
C SER A 5 11.92 -9.57 -7.32
N ALA A 6 11.61 -10.52 -6.44
CA ALA A 6 11.52 -11.91 -6.88
C ALA A 6 10.17 -12.21 -7.53
N LEU A 7 10.20 -13.03 -8.57
N LEU A 7 10.21 -13.04 -8.57
CA LEU A 7 9.00 -13.55 -9.21
CA LEU A 7 9.03 -13.56 -9.23
C LEU A 7 9.11 -15.06 -9.27
C LEU A 7 9.15 -15.07 -9.23
N ILE A 8 8.21 -15.75 -8.57
CA ILE A 8 8.30 -17.19 -8.42
C ILE A 8 7.10 -17.80 -9.13
N PHE A 9 7.39 -18.68 -10.09
CA PHE A 9 6.34 -19.21 -10.93
C PHE A 9 6.80 -20.52 -11.56
N ASP A 10 5.88 -21.47 -11.71
CA ASP A 10 6.20 -22.65 -12.49
C ASP A 10 4.97 -23.14 -13.23
N GLU A 11 5.18 -23.47 -14.50
CA GLU A 11 4.15 -24.01 -15.37
C GLU A 11 3.48 -25.25 -14.77
N GLU A 12 4.24 -26.04 -14.02
CA GLU A 12 3.69 -27.28 -13.46
C GLU A 12 2.43 -27.01 -12.64
N MET A 13 2.34 -25.86 -11.96
CA MET A 13 1.14 -25.61 -11.16
C MET A 13 -0.10 -25.37 -12.00
N SER A 14 0.03 -25.19 -13.32
CA SER A 14 -1.16 -25.18 -14.15
C SER A 14 -1.57 -26.57 -14.61
N ARG A 15 -0.91 -27.63 -14.15
CA ARG A 15 -1.21 -28.96 -14.68
C ARG A 15 -2.06 -29.80 -13.73
N TYR A 16 -3.18 -29.22 -13.31
CA TYR A 16 -4.27 -29.92 -12.63
C TYR A 16 -5.50 -29.07 -12.86
N LYS A 17 -6.65 -29.73 -12.91
CA LYS A 17 -7.89 -29.04 -13.27
C LYS A 17 -9.05 -29.88 -12.78
N LEU A 18 -10.26 -29.34 -12.95
CA LEU A 18 -11.48 -30.04 -12.56
C LEU A 18 -11.85 -31.07 -13.62
N LEU A 19 -12.16 -32.29 -13.19
CA LEU A 19 -12.41 -33.39 -14.12
C LEU A 19 -13.88 -33.82 -14.15
N TRP A 20 -14.77 -33.07 -13.51
CA TRP A 20 -16.19 -33.41 -13.55
C TRP A 20 -17.01 -32.14 -13.49
N THR A 21 -18.32 -32.31 -13.62
CA THR A 21 -19.23 -31.17 -13.55
C THR A 21 -19.45 -30.75 -12.11
N ASP A 22 -19.19 -29.48 -11.82
CA ASP A 22 -19.39 -28.93 -10.49
C ASP A 22 -19.46 -27.43 -10.66
N PRO A 23 -20.68 -26.87 -10.73
CA PRO A 23 -20.79 -25.41 -10.92
C PRO A 23 -20.13 -24.62 -9.81
N GLU A 24 -20.00 -25.19 -8.61
CA GLU A 24 -19.35 -24.48 -7.50
C GLU A 24 -17.85 -24.28 -7.71
N CYS A 25 -17.19 -25.12 -8.53
CA CYS A 25 -15.74 -25.01 -8.75
C CYS A 25 -15.33 -24.71 -10.17
N GLU A 26 -16.26 -24.53 -11.10
CA GLU A 26 -15.88 -24.37 -12.51
C GLU A 26 -14.90 -23.23 -12.72
N ILE A 27 -14.92 -22.21 -11.86
CA ILE A 27 -14.15 -20.98 -12.13
C ILE A 27 -12.67 -21.08 -11.82
N GLU A 28 -12.21 -22.09 -11.10
CA GLU A 28 -10.80 -22.16 -10.73
C GLU A 28 -10.08 -22.99 -11.80
N VAL A 29 -9.36 -22.33 -12.71
CA VAL A 29 -8.85 -23.02 -13.89
C VAL A 29 -7.36 -22.77 -14.04
N PRO A 30 -6.66 -23.67 -14.75
CA PRO A 30 -5.22 -23.49 -14.95
C PRO A 30 -4.85 -22.19 -15.66
N GLU A 31 -5.74 -21.65 -16.49
CA GLU A 31 -5.41 -20.46 -17.26
C GLU A 31 -5.18 -19.23 -16.37
N ARG A 32 -5.68 -19.24 -15.13
CA ARG A 32 -5.43 -18.12 -14.22
C ARG A 32 -3.94 -17.86 -14.08
N LEU A 33 -3.16 -18.93 -13.93
CA LEU A 33 -1.72 -18.80 -13.79
C LEU A 33 -1.07 -18.40 -15.11
N THR A 34 -1.43 -19.09 -16.20
CA THR A 34 -0.82 -18.83 -17.50
C THR A 34 -1.09 -17.41 -17.96
N VAL A 35 -2.34 -16.94 -17.81
CA VAL A 35 -2.68 -15.59 -18.20
C VAL A 35 -1.92 -14.55 -17.37
N SER A 36 -1.75 -14.81 -16.08
CA SER A 36 -1.09 -13.81 -15.24
C SER A 36 0.40 -13.70 -15.55
N TYR A 37 1.08 -14.84 -15.68
CA TYR A 37 2.49 -14.79 -16.05
C TYR A 37 2.66 -14.21 -17.45
N GLU A 38 1.79 -14.60 -18.39
CA GLU A 38 1.90 -14.06 -19.74
C GLU A 38 1.68 -12.55 -19.78
N ALA A 39 0.85 -11.99 -18.88
CA ALA A 39 0.66 -10.55 -18.83
C ALA A 39 1.90 -9.85 -18.27
N LEU A 40 2.55 -10.47 -17.26
CA LEU A 40 3.81 -9.92 -16.77
C LEU A 40 4.86 -9.91 -17.88
N ARG A 41 4.92 -10.97 -18.69
CA ARG A 41 5.89 -10.99 -19.79
C ARG A 41 5.57 -9.90 -20.81
N THR A 42 4.33 -9.87 -21.29
CA THR A 42 3.89 -8.85 -22.25
C THR A 42 4.32 -7.45 -21.84
N HIS A 43 4.19 -7.11 -20.56
CA HIS A 43 4.51 -5.76 -20.09
C HIS A 43 5.97 -5.61 -19.69
N GLY A 44 6.80 -6.61 -19.94
CA GLY A 44 8.20 -6.53 -19.59
C GLY A 44 8.50 -6.63 -18.12
N LEU A 45 7.53 -7.07 -17.31
CA LEU A 45 7.76 -7.07 -15.86
C LEU A 45 8.48 -8.32 -15.38
N ALA A 46 8.11 -9.49 -15.90
CA ALA A 46 8.79 -10.71 -15.50
C ALA A 46 10.29 -10.64 -15.77
N GLN A 47 10.65 -10.13 -16.95
CA GLN A 47 12.05 -9.97 -17.33
C GLN A 47 12.82 -9.11 -16.32
N ARG A 48 12.14 -8.19 -15.64
CA ARG A 48 12.82 -7.32 -14.68
C ARG A 48 12.89 -7.89 -13.28
N CYS A 49 12.23 -9.01 -13.02
CA CYS A 49 12.33 -9.67 -11.72
C CYS A 49 13.34 -10.81 -11.73
N LYS A 50 13.92 -11.05 -10.55
CA LYS A 50 14.75 -12.23 -10.29
C LYS A 50 13.88 -13.47 -10.23
N ALA A 51 14.02 -14.34 -11.21
CA ALA A 51 13.28 -15.59 -11.18
C ALA A 51 13.91 -16.51 -10.15
N VAL A 52 13.08 -17.02 -9.25
CA VAL A 52 13.50 -17.92 -8.19
C VAL A 52 12.76 -19.22 -8.41
N PRO A 53 13.43 -20.37 -8.39
CA PRO A 53 12.74 -21.61 -8.76
C PRO A 53 11.81 -22.04 -7.64
N VAL A 54 10.75 -22.74 -8.04
CA VAL A 54 9.88 -23.35 -7.06
C VAL A 54 10.59 -24.58 -6.47
N ARG A 55 10.08 -25.02 -5.33
CA ARG A 55 10.47 -26.29 -4.75
C ARG A 55 9.22 -26.89 -4.08
N GLN A 56 9.34 -28.15 -3.67
CA GLN A 56 8.30 -28.79 -2.87
C GLN A 56 8.48 -28.38 -1.41
N ALA A 57 7.38 -28.04 -0.75
CA ALA A 57 7.39 -28.01 0.70
C ALA A 57 7.65 -29.43 1.21
N THR A 58 8.44 -29.54 2.27
CA THR A 58 8.71 -30.83 2.89
C THR A 58 7.58 -31.22 3.83
N GLU A 59 7.56 -32.50 4.18
CA GLU A 59 6.56 -33.03 5.10
C GLU A 59 6.54 -32.27 6.40
N GLN A 60 7.72 -31.99 6.96
CA GLN A 60 7.75 -31.26 8.23
C GLN A 60 7.31 -29.82 8.07
N GLU A 61 7.54 -29.22 6.90
CA GLU A 61 7.02 -27.88 6.65
C GLU A 61 5.49 -27.88 6.58
N ILE A 62 4.91 -28.88 5.91
CA ILE A 62 3.46 -28.98 5.85
C ILE A 62 2.86 -29.16 7.24
N LEU A 63 3.55 -29.91 8.10
CA LEU A 63 3.06 -30.17 9.45
C LEU A 63 3.16 -28.95 10.36
N LEU A 64 3.77 -27.86 9.90
CA LEU A 64 3.71 -26.63 10.67
C LEU A 64 2.28 -26.15 10.81
N ALA A 65 1.46 -26.42 9.79
CA ALA A 65 0.11 -25.88 9.73
C ALA A 65 -0.97 -26.93 9.58
N HIS A 66 -0.62 -28.20 9.34
CA HIS A 66 -1.65 -29.19 9.06
C HIS A 66 -1.39 -30.46 9.84
N SER A 67 -2.45 -31.21 10.06
CA SER A 67 -2.40 -32.42 10.85
C SER A 67 -1.85 -33.60 10.04
N GLU A 68 -1.19 -34.53 10.76
CA GLU A 68 -0.67 -35.74 10.10
C GLU A 68 -1.78 -36.50 9.40
N GLU A 69 -2.99 -36.53 10.01
CA GLU A 69 -4.10 -37.27 9.43
C GLU A 69 -4.53 -36.65 8.10
N TYR A 70 -4.56 -35.32 8.03
CA TYR A 70 -4.99 -34.69 6.79
C TYR A 70 -3.91 -34.83 5.72
N LEU A 71 -2.65 -34.60 6.07
CA LEU A 71 -1.58 -34.77 5.10
C LEU A 71 -1.57 -36.22 4.57
N GLU A 72 -1.64 -37.21 5.46
CA GLU A 72 -1.69 -38.60 5.01
C GLU A 72 -2.85 -38.84 4.06
N ALA A 73 -4.01 -38.23 4.31
CA ALA A 73 -5.14 -38.40 3.40
C ALA A 73 -4.87 -37.76 2.04
N VAL A 74 -4.33 -36.55 2.03
CA VAL A 74 -4.10 -35.87 0.76
C VAL A 74 -3.00 -36.59 -0.03
N LYS A 75 -2.00 -37.14 0.68
CA LYS A 75 -0.92 -37.89 0.06
C LYS A 75 -1.42 -39.10 -0.75
N GLN A 76 -2.64 -39.58 -0.51
CA GLN A 76 -3.13 -40.71 -1.28
C GLN A 76 -3.86 -40.32 -2.55
N THR A 77 -4.20 -39.04 -2.72
CA THR A 77 -4.94 -38.67 -3.92
C THR A 77 -4.18 -38.91 -5.23
N PRO A 78 -2.84 -38.86 -5.31
CA PRO A 78 -2.21 -39.18 -6.61
C PRO A 78 -2.52 -40.58 -7.10
N GLY A 79 -2.87 -41.50 -6.22
CA GLY A 79 -3.19 -42.85 -6.65
C GLY A 79 -4.64 -43.11 -6.98
N MET A 80 -5.49 -42.10 -6.89
CA MET A 80 -6.93 -42.26 -7.04
C MET A 80 -7.36 -42.06 -8.49
N ASN A 81 -8.36 -42.82 -8.93
CA ASN A 81 -9.01 -42.53 -10.20
C ASN A 81 -10.06 -41.44 -10.00
N VAL A 82 -10.76 -41.09 -11.08
CA VAL A 82 -11.66 -39.94 -11.03
C VAL A 82 -12.80 -40.17 -10.04
N GLU A 83 -13.38 -41.37 -10.04
CA GLU A 83 -14.45 -41.69 -9.11
C GLU A 83 -13.99 -41.52 -7.67
N GLU A 84 -12.81 -42.06 -7.34
CA GLU A 84 -12.29 -41.88 -6.00
C GLU A 84 -11.92 -40.41 -5.73
N LEU A 85 -11.45 -39.69 -6.75
CA LEU A 85 -11.14 -38.28 -6.55
C LEU A 85 -12.42 -37.48 -6.28
N MET A 86 -13.49 -37.81 -6.97
CA MET A 86 -14.77 -37.13 -6.73
C MET A 86 -15.31 -37.44 -5.34
N ALA A 87 -15.21 -38.71 -4.92
CA ALA A 87 -15.66 -39.08 -3.57
C ALA A 87 -14.84 -38.36 -2.51
N PHE A 88 -13.52 -38.29 -2.71
CA PHE A 88 -12.69 -37.59 -1.74
C PHE A 88 -13.03 -36.12 -1.65
N SER A 89 -13.25 -35.46 -2.80
CA SER A 89 -13.52 -34.02 -2.82
C SER A 89 -14.80 -33.68 -2.09
N LYS A 90 -15.83 -34.54 -2.19
CA LYS A 90 -17.12 -34.24 -1.61
C LYS A 90 -17.10 -34.22 -0.09
N LYS A 91 -16.01 -34.69 0.54
CA LYS A 91 -15.86 -34.55 1.98
C LYS A 91 -15.58 -33.12 2.41
N TYR A 92 -15.40 -32.20 1.47
CA TYR A 92 -14.99 -30.85 1.79
C TYR A 92 -15.88 -29.88 1.03
N ASN A 93 -15.80 -28.63 1.42
CA ASN A 93 -16.67 -27.58 0.90
C ASN A 93 -15.97 -26.83 -0.23
N ALA A 94 -16.53 -26.92 -1.44
CA ALA A 94 -16.11 -26.15 -2.62
C ALA A 94 -14.62 -26.36 -2.96
N VAL A 95 -14.26 -27.62 -3.17
CA VAL A 95 -12.89 -27.94 -3.55
C VAL A 95 -12.90 -29.23 -4.36
N TYR A 96 -12.02 -29.31 -5.35
CA TYR A 96 -11.88 -30.49 -6.19
C TYR A 96 -10.43 -30.97 -6.13
N PHE A 97 -10.24 -32.27 -6.34
CA PHE A 97 -8.91 -32.88 -6.31
C PHE A 97 -8.61 -33.48 -7.69
N HIS A 98 -7.34 -33.74 -7.92
CA HIS A 98 -6.81 -34.18 -9.22
C HIS A 98 -5.54 -34.98 -8.91
N GLN A 99 -5.21 -35.95 -9.77
CA GLN A 99 -4.03 -36.78 -9.49
C GLN A 99 -2.77 -35.96 -9.28
N ASN A 100 -2.70 -34.74 -9.82
CA ASN A 100 -1.51 -33.91 -9.69
C ASN A 100 -1.66 -32.76 -8.71
N ILE A 101 -2.78 -32.66 -8.00
CA ILE A 101 -2.99 -31.50 -7.13
C ILE A 101 -2.15 -31.61 -5.85
N TYR A 102 -1.88 -32.81 -5.35
CA TYR A 102 -1.01 -32.90 -4.18
C TYR A 102 0.39 -32.41 -4.52
N HIS A 103 0.91 -32.84 -5.67
CA HIS A 103 2.19 -32.34 -6.15
C HIS A 103 2.16 -30.82 -6.29
N CYS A 104 1.12 -30.29 -6.92
CA CYS A 104 1.04 -28.84 -7.15
C CYS A 104 0.87 -28.07 -5.84
N ALA A 105 0.06 -28.59 -4.91
CA ALA A 105 -0.04 -27.99 -3.57
C ALA A 105 1.32 -27.93 -2.86
N LYS A 106 2.13 -28.98 -2.98
CA LYS A 106 3.47 -28.92 -2.40
C LYS A 106 4.31 -27.84 -3.06
N LEU A 107 4.14 -27.64 -4.37
CA LEU A 107 4.90 -26.61 -5.09
C LEU A 107 4.42 -25.21 -4.74
N ALA A 108 3.09 -25.01 -4.63
CA ALA A 108 2.58 -23.70 -4.24
C ALA A 108 3.11 -23.31 -2.88
N ALA A 109 3.12 -24.26 -1.94
CA ALA A 109 3.66 -23.98 -0.60
C ALA A 109 5.16 -23.74 -0.64
N GLY A 110 5.91 -24.63 -1.30
CA GLY A 110 7.35 -24.43 -1.40
C GLY A 110 7.69 -23.14 -2.12
N ALA A 111 6.94 -22.81 -3.17
CA ALA A 111 7.15 -21.53 -3.85
C ALA A 111 7.04 -20.37 -2.87
N THR A 112 6.05 -20.44 -1.97
CA THR A 112 5.89 -19.39 -0.97
C THR A 112 7.07 -19.36 -0.02
N LEU A 113 7.55 -20.53 0.43
CA LEU A 113 8.71 -20.53 1.32
C LEU A 113 9.95 -19.99 0.61
N GLN A 114 10.09 -20.30 -0.69
CA GLN A 114 11.21 -19.75 -1.46
C GLN A 114 11.18 -18.23 -1.44
N LEU A 115 9.99 -17.64 -1.58
CA LEU A 115 9.88 -16.19 -1.56
C LEU A 115 10.26 -15.64 -0.19
N VAL A 116 9.76 -16.26 0.88
CA VAL A 116 10.13 -15.81 2.23
C VAL A 116 11.66 -15.83 2.39
N ASP A 117 12.29 -16.94 2.02
CA ASP A 117 13.75 -17.04 2.17
C ASP A 117 14.46 -15.97 1.35
N SER A 118 14.04 -15.76 0.10
CA SER A 118 14.69 -14.73 -0.72
C SER A 118 14.59 -13.35 -0.08
N VAL A 119 13.47 -13.05 0.57
CA VAL A 119 13.31 -11.72 1.16
C VAL A 119 14.02 -11.64 2.51
N MET A 120 13.88 -12.67 3.35
CA MET A 120 14.48 -12.60 4.68
C MET A 120 16.00 -12.69 4.64
N LYS A 121 16.56 -13.36 3.62
CA LYS A 121 18.00 -13.41 3.39
C LYS A 121 18.54 -12.17 2.69
N ARG A 122 17.69 -11.18 2.40
CA ARG A 122 18.07 -9.93 1.75
C ARG A 122 18.63 -10.18 0.34
N GLU A 123 18.21 -11.28 -0.29
CA GLU A 123 18.57 -11.52 -1.69
C GLU A 123 17.73 -10.68 -2.64
N VAL A 124 16.49 -10.36 -2.25
CA VAL A 124 15.64 -9.40 -2.95
C VAL A 124 15.00 -8.49 -1.91
N ARG A 125 14.43 -7.39 -2.39
CA ARG A 125 13.70 -6.53 -1.47
C ARG A 125 12.32 -7.10 -1.16
N ASN A 126 11.65 -7.66 -2.15
CA ASN A 126 10.26 -8.06 -2.05
C ASN A 126 10.01 -9.05 -3.18
N GLY A 127 8.78 -9.53 -3.31
CA GLY A 127 8.53 -10.44 -4.40
C GLY A 127 7.10 -10.94 -4.42
N MET A 128 6.79 -11.67 -5.49
CA MET A 128 5.48 -12.27 -5.68
C MET A 128 5.62 -13.73 -6.08
N ALA A 129 4.80 -14.57 -5.48
CA ALA A 129 4.64 -15.95 -5.88
C ALA A 129 3.32 -16.12 -6.63
N LEU A 130 3.41 -16.57 -7.88
CA LEU A 130 2.23 -16.92 -8.68
C LEU A 130 2.03 -18.43 -8.58
N VAL A 131 1.03 -18.84 -7.79
CA VAL A 131 0.84 -20.23 -7.40
C VAL A 131 -0.62 -20.64 -7.54
N ARG A 132 -0.81 -21.93 -7.77
CA ARG A 132 -2.05 -22.68 -7.65
C ARG A 132 -1.66 -24.01 -7.02
N PRO A 133 -2.52 -24.60 -6.18
CA PRO A 133 -3.82 -24.07 -5.71
C PRO A 133 -3.61 -22.93 -4.72
N PRO A 134 -4.63 -22.07 -4.54
CA PRO A 134 -4.55 -21.04 -3.50
C PRO A 134 -4.54 -21.63 -2.11
N GLY A 135 -4.43 -20.80 -1.08
CA GLY A 135 -4.22 -21.34 0.26
C GLY A 135 -5.14 -20.87 1.39
N HIS A 136 -5.71 -19.66 1.32
CA HIS A 136 -6.11 -19.03 2.58
C HIS A 136 -7.37 -19.62 3.21
N HIS A 137 -8.17 -20.39 2.48
CA HIS A 137 -9.30 -21.09 3.07
C HIS A 137 -8.92 -22.42 3.72
N SER A 138 -7.73 -22.93 3.42
CA SER A 138 -7.26 -24.22 3.88
C SER A 138 -7.06 -24.20 5.40
N GLN A 139 -7.35 -25.33 6.04
CA GLN A 139 -7.37 -25.42 7.51
C GLN A 139 -6.54 -26.62 7.96
N ARG A 140 -6.34 -26.72 9.28
N ARG A 140 -6.35 -26.70 9.29
CA ARG A 140 -5.40 -27.71 9.82
CA ARG A 140 -5.46 -27.70 9.89
C ARG A 140 -5.71 -29.12 9.34
C ARG A 140 -5.72 -29.09 9.34
N SER A 141 -7.00 -29.48 9.27
CA SER A 141 -7.38 -30.80 8.76
C SER A 141 -8.46 -30.74 7.69
N ALA A 142 -8.46 -29.72 6.84
CA ALA A 142 -9.47 -29.66 5.79
C ALA A 142 -8.99 -28.84 4.60
N ALA A 143 -9.26 -29.36 3.39
CA ALA A 143 -9.26 -28.53 2.19
C ALA A 143 -10.55 -27.73 2.14
N ASN A 144 -10.47 -26.54 1.55
CA ASN A 144 -11.63 -25.65 1.54
C ASN A 144 -11.47 -24.58 0.47
N GLY A 145 -12.55 -24.30 -0.25
CA GLY A 145 -12.56 -23.23 -1.23
C GLY A 145 -11.34 -23.23 -2.15
N PHE A 146 -11.13 -24.32 -2.89
CA PHE A 146 -10.03 -24.49 -3.86
C PHE A 146 -8.66 -24.66 -3.21
N CYS A 147 -8.57 -24.49 -1.89
CA CYS A 147 -7.30 -24.53 -1.18
C CYS A 147 -7.05 -25.91 -0.57
N VAL A 148 -5.82 -26.38 -0.70
CA VAL A 148 -5.37 -27.67 -0.13
C VAL A 148 -4.55 -27.46 1.12
N PHE A 149 -3.50 -26.63 1.03
CA PHE A 149 -2.64 -26.26 2.15
C PHE A 149 -2.54 -24.74 2.24
N ASN A 150 -2.33 -24.24 3.46
CA ASN A 150 -2.44 -22.80 3.66
C ASN A 150 -1.10 -22.15 3.41
N ASN A 151 -0.86 -21.80 2.13
CA ASN A 151 0.40 -21.21 1.70
C ASN A 151 0.83 -20.07 2.59
N VAL A 152 -0.04 -19.06 2.78
CA VAL A 152 0.38 -17.87 3.50
C VAL A 152 0.60 -18.19 4.98
N ALA A 153 -0.21 -19.07 5.54
CA ALA A 153 0.01 -19.48 6.93
C ALA A 153 1.38 -20.13 7.09
N PHE A 154 1.74 -21.03 6.17
CA PHE A 154 3.10 -21.58 6.12
C PHE A 154 4.14 -20.49 6.20
N ALA A 155 4.03 -19.50 5.31
CA ALA A 155 5.02 -18.43 5.23
C ALA A 155 5.24 -17.79 6.59
N ALA A 156 4.16 -17.48 7.31
CA ALA A 156 4.33 -16.81 8.60
C ALA A 156 4.93 -17.77 9.62
N LEU A 157 4.43 -19.00 9.69
CA LEU A 157 4.97 -19.97 10.66
C LEU A 157 6.42 -20.30 10.34
N TYR A 158 6.74 -20.49 9.06
CA TYR A 158 8.13 -20.71 8.62
C TYR A 158 9.02 -19.53 8.99
N ALA A 159 8.56 -18.31 8.73
CA ALA A 159 9.38 -17.14 9.04
C ALA A 159 9.58 -16.97 10.54
N LYS A 160 8.57 -17.31 11.34
CA LYS A 160 8.73 -17.31 12.79
C LYS A 160 9.81 -18.28 13.22
N LYS A 161 9.71 -19.53 12.76
CA LYS A 161 10.63 -20.56 13.21
C LYS A 161 12.05 -20.26 12.76
N ASN A 162 12.23 -19.93 11.48
CA ASN A 162 13.56 -19.89 10.87
C ASN A 162 14.23 -18.54 10.95
N TYR A 163 13.47 -17.47 11.21
CA TYR A 163 14.09 -16.16 11.34
C TYR A 163 13.76 -15.48 12.67
N ASN A 164 13.11 -16.20 13.58
CA ASN A 164 12.87 -15.73 14.95
C ASN A 164 12.14 -14.38 14.96
N LEU A 165 11.23 -14.18 14.02
CA LEU A 165 10.46 -12.95 13.95
C LEU A 165 9.41 -12.93 15.03
N ASN A 166 9.19 -11.76 15.61
CA ASN A 166 8.17 -11.61 16.64
C ASN A 166 6.91 -10.92 16.15
N ARG A 167 6.92 -10.24 14.99
CA ARG A 167 5.74 -9.54 14.48
C ARG A 167 5.65 -9.71 12.97
N ILE A 168 4.60 -10.36 12.52
CA ILE A 168 4.35 -10.57 11.11
C ILE A 168 2.95 -10.04 10.80
N LEU A 169 2.81 -9.28 9.73
CA LEU A 169 1.52 -8.76 9.30
C LEU A 169 1.06 -9.50 8.05
N ILE A 170 -0.15 -10.03 8.06
CA ILE A 170 -0.77 -10.66 6.90
C ILE A 170 -1.94 -9.79 6.45
N VAL A 171 -1.89 -9.34 5.20
CA VAL A 171 -2.95 -8.54 4.59
C VAL A 171 -3.62 -9.41 3.53
N ASP A 172 -4.90 -9.71 3.75
CA ASP A 172 -5.70 -10.57 2.87
C ASP A 172 -6.67 -9.67 2.12
N TRP A 173 -6.33 -9.30 0.89
CA TRP A 173 -7.19 -8.43 0.10
C TRP A 173 -7.96 -9.20 -0.96
N ASP A 174 -7.87 -10.53 -0.93
CA ASP A 174 -8.84 -11.38 -1.63
C ASP A 174 -10.25 -10.97 -1.22
N VAL A 175 -11.22 -11.18 -2.12
CA VAL A 175 -12.60 -10.80 -1.83
C VAL A 175 -13.29 -11.76 -0.86
N HIS A 176 -12.70 -12.92 -0.58
CA HIS A 176 -13.23 -13.90 0.34
C HIS A 176 -12.48 -13.83 1.66
N HIS A 177 -13.14 -14.26 2.74
CA HIS A 177 -12.50 -14.30 4.06
C HIS A 177 -11.51 -15.46 4.13
N GLY A 178 -10.28 -15.19 4.58
CA GLY A 178 -9.31 -16.26 4.77
C GLY A 178 -9.43 -16.92 6.13
N GLN A 179 -10.53 -17.66 6.35
CA GLN A 179 -10.79 -18.19 7.68
C GLN A 179 -9.72 -19.19 8.10
N GLY A 180 -9.12 -19.89 7.13
CA GLY A 180 -8.00 -20.77 7.46
C GLY A 180 -6.86 -20.03 8.12
N ILE A 181 -6.55 -18.84 7.63
CA ILE A 181 -5.51 -18.04 8.29
C ILE A 181 -6.01 -17.53 9.63
N GLN A 182 -7.27 -17.08 9.69
CA GLN A 182 -7.79 -16.59 10.97
C GLN A 182 -7.68 -17.67 12.04
N TYR A 183 -8.16 -18.89 11.73
CA TYR A 183 -8.09 -19.95 12.72
C TYR A 183 -6.64 -20.19 13.14
N CYS A 184 -5.73 -20.17 12.17
CA CYS A 184 -4.36 -20.57 12.46
C CYS A 184 -3.74 -19.67 13.51
N PHE A 185 -4.04 -18.37 13.46
CA PHE A 185 -3.37 -17.37 14.29
C PHE A 185 -4.30 -16.70 15.29
N GLU A 186 -5.49 -17.26 15.55
CA GLU A 186 -6.47 -16.49 16.31
C GLU A 186 -6.01 -16.19 17.73
N GLU A 187 -5.15 -17.03 18.31
CA GLU A 187 -4.63 -16.79 19.64
C GLU A 187 -3.19 -16.29 19.67
N ASP A 188 -2.63 -15.95 18.51
CA ASP A 188 -1.20 -15.66 18.40
C ASP A 188 -1.00 -14.16 18.22
N PRO A 189 -0.45 -13.44 19.20
CA PRO A 189 -0.28 -12.00 19.02
C PRO A 189 0.90 -11.62 18.13
N SER A 190 1.72 -12.59 17.74
CA SER A 190 2.85 -12.30 16.88
C SER A 190 2.45 -12.21 15.39
N VAL A 191 1.25 -12.61 15.02
CA VAL A 191 0.81 -12.54 13.64
C VAL A 191 -0.46 -11.69 13.57
N LEU A 192 -0.38 -10.50 12.98
CA LEU A 192 -1.56 -9.65 12.80
C LEU A 192 -2.21 -9.98 11.46
N TYR A 193 -3.46 -10.45 11.51
CA TYR A 193 -4.20 -10.83 10.31
C TYR A 193 -5.29 -9.82 10.03
N PHE A 194 -5.26 -9.22 8.85
CA PHE A 194 -6.27 -8.28 8.39
C PHE A 194 -6.92 -8.86 7.16
N SER A 195 -8.26 -8.82 7.13
CA SER A 195 -9.04 -9.31 5.99
C SER A 195 -10.24 -8.41 5.74
N TRP A 196 -10.42 -7.96 4.50
CA TRP A 196 -11.72 -7.50 4.06
C TRP A 196 -12.33 -8.57 3.18
N HIS A 197 -13.66 -8.57 3.09
CA HIS A 197 -14.28 -9.68 2.38
C HIS A 197 -15.76 -9.42 2.16
N ARG A 198 -16.24 -9.76 0.97
CA ARG A 198 -17.67 -9.82 0.74
C ARG A 198 -18.33 -10.74 1.77
N TYR A 199 -19.35 -10.21 2.45
CA TYR A 199 -19.99 -10.90 3.57
C TYR A 199 -21.50 -10.89 3.42
N GLU A 200 -22.07 -9.71 3.16
CA GLU A 200 -23.51 -9.55 2.96
C GLU A 200 -24.27 -10.15 4.14
N HIS A 201 -23.89 -9.71 5.34
CA HIS A 201 -24.56 -10.11 6.58
C HIS A 201 -24.59 -11.63 6.72
N GLN A 202 -23.46 -12.26 6.40
CA GLN A 202 -23.22 -13.70 6.50
C GLN A 202 -23.92 -14.51 5.41
N SER A 203 -24.66 -13.88 4.49
CA SER A 203 -25.25 -14.66 3.40
C SER A 203 -24.24 -15.07 2.33
N PHE A 204 -23.02 -14.55 2.34
CA PHE A 204 -22.05 -14.91 1.31
C PHE A 204 -21.04 -15.92 1.83
N TRP A 205 -20.72 -16.91 0.99
CA TRP A 205 -19.73 -17.94 1.30
C TRP A 205 -18.45 -17.30 1.86
N PRO A 206 -17.86 -17.86 2.93
CA PRO A 206 -18.24 -19.14 3.55
C PRO A 206 -19.37 -19.09 4.61
N ASN A 207 -20.08 -17.97 4.75
CA ASN A 207 -21.27 -17.91 5.60
C ASN A 207 -20.94 -18.14 7.09
N LEU A 208 -19.89 -17.49 7.57
CA LEU A 208 -19.43 -17.80 8.92
C LEU A 208 -19.74 -16.63 9.84
N PRO A 209 -20.29 -16.89 11.03
CA PRO A 209 -20.46 -15.80 12.01
C PRO A 209 -19.15 -15.17 12.40
N GLU A 210 -18.09 -15.97 12.49
CA GLU A 210 -16.80 -15.46 12.95
C GLU A 210 -16.03 -14.70 11.86
N SER A 211 -16.60 -14.52 10.67
CA SER A 211 -16.02 -13.60 9.69
C SER A 211 -16.42 -12.15 9.95
N ASP A 212 -17.22 -11.89 10.97
CA ASP A 212 -17.73 -10.54 11.19
C ASP A 212 -16.67 -9.70 11.90
N TYR A 213 -16.93 -8.39 11.98
CA TYR A 213 -16.01 -7.47 12.63
C TYR A 213 -15.79 -7.79 14.10
N SER A 214 -16.69 -8.55 14.73
CA SER A 214 -16.54 -8.76 16.17
C SER A 214 -15.52 -9.85 16.52
N SER A 215 -15.04 -10.63 15.53
CA SER A 215 -13.96 -11.58 15.78
C SER A 215 -12.65 -10.83 15.75
N VAL A 216 -12.07 -10.61 16.94
CA VAL A 216 -10.88 -9.79 17.12
C VAL A 216 -9.66 -10.63 17.52
N GLY A 217 -9.78 -11.95 17.50
CA GLY A 217 -8.80 -12.84 18.09
C GLY A 217 -9.26 -13.33 19.47
N LYS A 218 -8.49 -14.29 20.02
CA LYS A 218 -8.84 -14.92 21.28
C LYS A 218 -7.64 -14.96 22.23
N GLY A 219 -7.92 -14.86 23.53
CA GLY A 219 -6.86 -14.97 24.52
C GLY A 219 -5.79 -13.93 24.29
N LYS A 220 -4.52 -14.38 24.32
CA LYS A 220 -3.41 -13.48 24.03
C LYS A 220 -3.45 -12.95 22.60
N GLY A 221 -4.30 -13.49 21.73
CA GLY A 221 -4.41 -12.93 20.41
C GLY A 221 -5.45 -11.85 20.26
N SER A 222 -6.13 -11.44 21.34
CA SER A 222 -7.19 -10.46 21.21
C SER A 222 -6.67 -9.15 20.63
N GLY A 223 -7.29 -8.69 19.55
CA GLY A 223 -6.87 -7.48 18.89
C GLY A 223 -5.99 -7.70 17.67
N PHE A 224 -5.50 -8.92 17.45
CA PHE A 224 -4.60 -9.21 16.33
C PHE A 224 -5.31 -9.95 15.21
N ASN A 225 -6.64 -9.94 15.23
CA ASN A 225 -7.45 -10.38 14.11
C ASN A 225 -8.37 -9.23 13.75
N ILE A 226 -8.33 -8.78 12.50
CA ILE A 226 -9.12 -7.63 12.06
C ILE A 226 -9.91 -8.02 10.82
N ASN A 227 -11.23 -8.15 10.97
CA ASN A 227 -12.16 -8.48 9.90
C ASN A 227 -12.96 -7.24 9.53
N LEU A 228 -13.03 -6.95 8.23
CA LEU A 228 -13.81 -5.84 7.69
C LEU A 228 -14.79 -6.42 6.68
N PRO A 229 -16.03 -6.69 7.08
CA PRO A 229 -16.99 -7.31 6.16
C PRO A 229 -17.60 -6.27 5.21
N TRP A 230 -17.69 -6.64 3.93
CA TRP A 230 -18.42 -5.83 2.96
C TRP A 230 -19.83 -6.37 2.90
N ASN A 231 -20.80 -5.55 3.30
CA ASN A 231 -22.17 -6.03 3.38
C ASN A 231 -23.01 -5.67 2.17
N LYS A 232 -22.41 -5.03 1.16
CA LYS A 232 -22.99 -4.85 -0.17
C LYS A 232 -21.89 -5.09 -1.21
N VAL A 233 -22.29 -5.48 -2.41
CA VAL A 233 -21.30 -5.57 -3.50
C VAL A 233 -21.09 -4.19 -4.11
N GLY A 234 -20.25 -4.13 -5.15
CA GLY A 234 -19.97 -2.87 -5.81
C GLY A 234 -19.00 -1.95 -5.10
N MET A 235 -18.24 -2.43 -4.12
CA MET A 235 -17.29 -1.56 -3.45
C MET A 235 -16.28 -1.00 -4.46
N THR A 236 -15.86 0.24 -4.26
CA THR A 236 -15.07 0.99 -5.23
C THR A 236 -13.69 1.31 -4.67
N ASN A 237 -12.89 1.95 -5.53
CA ASN A 237 -11.60 2.47 -5.09
C ASN A 237 -11.70 3.23 -3.78
N SER A 238 -12.71 4.11 -3.65
CA SER A 238 -12.84 4.91 -2.43
C SER A 238 -13.11 4.05 -1.20
N ASP A 239 -13.93 3.00 -1.33
CA ASP A 239 -14.16 2.11 -0.21
C ASP A 239 -12.87 1.42 0.22
N TYR A 240 -12.08 0.96 -0.77
CA TYR A 240 -10.84 0.24 -0.45
C TYR A 240 -9.83 1.16 0.20
N LEU A 241 -9.68 2.37 -0.33
CA LEU A 241 -8.73 3.31 0.27
C LEU A 241 -9.19 3.74 1.65
N ALA A 242 -10.48 4.00 1.83
CA ALA A 242 -11.00 4.33 3.16
C ALA A 242 -10.68 3.23 4.17
N ALA A 243 -10.83 1.97 3.75
CA ALA A 243 -10.46 0.84 4.60
C ALA A 243 -8.98 0.89 4.97
N PHE A 244 -8.12 1.24 4.01
CA PHE A 244 -6.69 1.32 4.30
C PHE A 244 -6.37 2.50 5.21
N PHE A 245 -6.84 3.71 4.88
CA PHE A 245 -6.43 4.87 5.69
C PHE A 245 -7.02 4.82 7.10
N HIS A 246 -8.21 4.24 7.27
CA HIS A 246 -8.90 4.37 8.54
C HIS A 246 -8.95 3.09 9.36
N VAL A 247 -8.51 1.95 8.81
CA VAL A 247 -8.43 0.73 9.61
C VAL A 247 -7.03 0.11 9.53
N LEU A 248 -6.64 -0.35 8.35
CA LEU A 248 -5.46 -1.20 8.22
C LEU A 248 -4.18 -0.45 8.51
N LEU A 249 -3.93 0.64 7.79
CA LEU A 249 -2.65 1.34 7.92
C LEU A 249 -2.39 1.86 9.33
N PRO A 250 -3.34 2.52 10.02
CA PRO A 250 -3.06 2.94 11.39
C PRO A 250 -2.63 1.80 12.29
N VAL A 251 -3.30 0.64 12.18
CA VAL A 251 -2.93 -0.50 12.99
C VAL A 251 -1.58 -1.08 12.54
N ALA A 252 -1.36 -1.18 11.23
CA ALA A 252 -0.11 -1.78 10.75
C ALA A 252 1.11 -0.96 11.13
N TYR A 253 1.01 0.38 11.07
CA TYR A 253 2.16 1.19 11.45
C TYR A 253 2.38 1.18 12.96
N GLU A 254 1.31 0.98 13.73
CA GLU A 254 1.50 0.84 15.17
C GLU A 254 2.09 -0.52 15.52
N PHE A 255 1.61 -1.58 14.86
CA PHE A 255 2.14 -2.93 15.05
C PHE A 255 3.63 -3.00 14.70
N ASP A 256 4.03 -2.31 13.61
CA ASP A 256 5.41 -2.29 13.16
C ASP A 256 5.89 -3.72 12.88
N PRO A 257 5.35 -4.37 11.86
CA PRO A 257 5.75 -5.74 11.57
C PRO A 257 7.19 -5.81 11.09
N GLU A 258 7.80 -6.98 11.27
CA GLU A 258 9.12 -7.28 10.71
C GLU A 258 9.04 -7.93 9.34
N LEU A 259 7.87 -8.35 8.92
CA LEU A 259 7.66 -8.96 7.62
C LEU A 259 6.19 -8.75 7.26
N VAL A 260 5.92 -8.44 5.99
CA VAL A 260 4.55 -8.32 5.48
C VAL A 260 4.31 -9.42 4.45
N ILE A 261 3.24 -10.18 4.66
CA ILE A 261 2.79 -11.18 3.69
C ILE A 261 1.40 -10.78 3.19
N VAL A 262 1.21 -10.76 1.86
CA VAL A 262 -0.07 -10.42 1.28
C VAL A 262 -0.71 -11.68 0.71
N SER A 263 -1.90 -12.02 1.21
CA SER A 263 -2.83 -12.92 0.53
C SER A 263 -3.53 -12.11 -0.55
N ALA A 264 -2.98 -12.22 -1.76
CA ALA A 264 -3.29 -11.33 -2.86
C ALA A 264 -4.23 -12.04 -3.81
N GLY A 265 -5.51 -12.01 -3.49
CA GLY A 265 -6.54 -12.44 -4.40
C GLY A 265 -7.05 -11.21 -5.12
N PHE A 266 -7.18 -11.32 -6.44
CA PHE A 266 -7.67 -10.22 -7.25
C PHE A 266 -9.11 -10.44 -7.66
N ASP A 267 -9.81 -11.38 -7.01
CA ASP A 267 -11.26 -11.41 -7.15
C ASP A 267 -11.93 -10.24 -6.45
N SER A 268 -11.17 -9.35 -5.82
CA SER A 268 -11.69 -8.10 -5.30
C SER A 268 -11.71 -6.98 -6.35
N ALA A 269 -11.33 -7.28 -7.59
CA ALA A 269 -11.23 -6.31 -8.67
C ALA A 269 -12.51 -6.27 -9.49
N ILE A 270 -12.72 -5.13 -10.17
CA ILE A 270 -13.83 -4.97 -11.10
C ILE A 270 -13.85 -6.13 -12.08
N GLY A 271 -15.06 -6.54 -12.47
CA GLY A 271 -15.24 -7.61 -13.44
C GLY A 271 -15.21 -9.01 -12.89
N ASP A 272 -14.75 -9.21 -11.65
CA ASP A 272 -14.64 -10.57 -11.16
C ASP A 272 -16.03 -11.13 -10.88
N PRO A 273 -16.36 -12.32 -11.38
CA PRO A 273 -17.72 -12.85 -11.18
C PRO A 273 -17.99 -13.29 -9.76
N GLU A 274 -16.96 -13.59 -8.96
CA GLU A 274 -17.19 -13.96 -7.57
C GLU A 274 -17.35 -12.74 -6.67
N GLY A 275 -16.52 -11.73 -6.86
CA GLY A 275 -16.53 -10.59 -5.97
C GLY A 275 -17.59 -9.55 -6.25
N GLU A 276 -17.85 -9.29 -7.53
CA GLU A 276 -18.78 -8.25 -7.97
C GLU A 276 -18.44 -6.90 -7.35
N MET A 277 -17.17 -6.66 -7.08
CA MET A 277 -16.79 -5.31 -6.68
C MET A 277 -16.40 -4.51 -7.92
N CYS A 278 -16.11 -3.22 -7.69
CA CYS A 278 -15.94 -2.25 -8.76
C CYS A 278 -14.59 -1.54 -8.69
N ALA A 279 -13.64 -2.06 -7.90
CA ALA A 279 -12.34 -1.40 -7.78
C ALA A 279 -11.50 -1.65 -9.03
N LEU A 280 -10.79 -0.63 -9.48
CA LEU A 280 -10.02 -0.74 -10.70
C LEU A 280 -8.71 -1.50 -10.46
N PRO A 281 -8.17 -2.17 -11.48
CA PRO A 281 -6.85 -2.80 -11.30
C PRO A 281 -5.81 -1.84 -10.74
N GLU A 282 -5.86 -0.55 -11.13
CA GLU A 282 -4.90 0.41 -10.62
C GLU A 282 -4.89 0.50 -9.09
N ILE A 283 -5.98 0.08 -8.42
CA ILE A 283 -5.97 0.28 -6.97
C ILE A 283 -4.93 -0.63 -6.31
N PHE A 284 -4.62 -1.78 -6.91
CA PHE A 284 -3.64 -2.67 -6.28
C PHE A 284 -2.22 -2.12 -6.34
N ALA A 285 -1.92 -1.24 -7.31
CA ALA A 285 -0.67 -0.49 -7.25
C ALA A 285 -0.58 0.32 -5.97
N HIS A 286 -1.73 0.86 -5.52
CA HIS A 286 -1.69 1.71 -4.34
C HIS A 286 -1.77 0.90 -3.05
N LEU A 287 -2.60 -0.15 -2.99
CA LEU A 287 -2.56 -1.06 -1.85
C LEU A 287 -1.14 -1.60 -1.61
N THR A 288 -0.45 -1.99 -2.69
CA THR A 288 0.95 -2.40 -2.56
C THR A 288 1.81 -1.24 -2.10
N HIS A 289 1.70 -0.09 -2.78
CA HIS A 289 2.55 1.05 -2.46
C HIS A 289 2.40 1.47 -1.00
N LEU A 290 1.16 1.51 -0.49
CA LEU A 290 0.92 2.00 0.86
C LEU A 290 1.50 1.09 1.94
N LEU A 291 1.77 -0.17 1.62
CA LEU A 291 2.35 -1.12 2.58
C LEU A 291 3.88 -1.18 2.51
N MET A 292 4.47 -0.68 1.46
CA MET A 292 5.91 -0.89 1.28
C MET A 292 6.81 -0.17 2.27
N PRO A 293 6.42 0.95 2.89
CA PRO A 293 7.25 1.47 3.98
C PRO A 293 7.25 0.61 5.24
N LEU A 294 6.48 -0.47 5.33
CA LEU A 294 6.52 -1.34 6.50
C LEU A 294 7.65 -2.35 6.37
N ALA A 295 8.21 -2.75 7.52
CA ALA A 295 9.18 -3.86 7.56
C ALA A 295 10.34 -3.63 6.60
N ALA A 296 10.73 -2.36 6.44
CA ALA A 296 11.81 -1.98 5.53
C ALA A 296 11.57 -2.50 4.11
N GLY A 297 10.30 -2.49 3.69
CA GLY A 297 9.98 -2.95 2.36
C GLY A 297 9.92 -4.45 2.17
N LYS A 298 10.15 -5.25 3.21
CA LYS A 298 10.15 -6.71 3.05
C LYS A 298 8.72 -7.22 2.93
N MET A 299 8.29 -7.46 1.69
CA MET A 299 6.91 -7.83 1.41
C MET A 299 6.88 -9.04 0.48
N CYS A 300 6.17 -10.09 0.91
CA CYS A 300 5.91 -11.27 0.08
C CYS A 300 4.46 -11.33 -0.35
N VAL A 301 4.22 -11.20 -1.65
CA VAL A 301 2.88 -11.19 -2.22
C VAL A 301 2.58 -12.58 -2.76
N VAL A 302 1.50 -13.19 -2.29
CA VAL A 302 1.17 -14.56 -2.62
C VAL A 302 -0.20 -14.59 -3.28
N LEU A 303 -0.26 -15.09 -4.51
CA LEU A 303 -1.52 -15.12 -5.24
C LEU A 303 -2.51 -16.07 -4.57
N GLU A 304 -3.76 -15.60 -4.42
CA GLU A 304 -4.87 -16.44 -3.98
C GLU A 304 -5.84 -16.57 -5.14
N GLY A 305 -6.90 -15.78 -5.21
CA GLY A 305 -7.93 -15.92 -6.21
C GLY A 305 -7.88 -14.83 -7.27
N GLY A 306 -8.98 -14.76 -8.03
CA GLY A 306 -9.09 -13.84 -9.16
C GLY A 306 -9.44 -14.63 -10.41
N TYR A 307 -10.66 -14.43 -10.93
CA TYR A 307 -11.22 -15.33 -11.91
C TYR A 307 -11.62 -14.69 -13.23
N ASN A 308 -11.56 -13.37 -13.34
CA ASN A 308 -11.76 -12.70 -14.62
C ASN A 308 -10.39 -12.54 -15.25
N LEU A 309 -10.13 -13.31 -16.30
CA LEU A 309 -8.78 -13.40 -16.85
C LEU A 309 -8.23 -12.03 -17.20
N THR A 310 -9.07 -11.15 -17.76
CA THR A 310 -8.60 -9.81 -18.11
C THR A 310 -8.31 -9.00 -16.85
N SER A 311 -9.34 -8.81 -16.02
CA SER A 311 -9.15 -8.17 -14.72
C SER A 311 -7.94 -8.73 -13.96
N LEU A 312 -7.68 -10.04 -14.11
CA LEU A 312 -6.61 -10.67 -13.33
C LEU A 312 -5.24 -10.20 -13.79
N GLY A 313 -4.99 -10.25 -15.10
CA GLY A 313 -3.68 -9.86 -15.60
C GLY A 313 -3.32 -8.43 -15.29
N GLN A 314 -4.27 -7.52 -15.44
CA GLN A 314 -3.99 -6.12 -15.17
C GLN A 314 -3.67 -5.89 -13.71
N SER A 315 -4.40 -6.55 -12.80
CA SER A 315 -4.11 -6.34 -11.39
C SER A 315 -2.77 -6.95 -10.99
N VAL A 316 -2.40 -8.12 -11.55
CA VAL A 316 -1.08 -8.68 -11.24
C VAL A 316 0.01 -7.71 -11.69
N CYS A 317 -0.13 -7.13 -12.89
CA CYS A 317 0.88 -6.18 -13.39
C CYS A 317 0.98 -4.93 -12.52
N GLN A 318 -0.16 -4.36 -12.13
CA GLN A 318 -0.11 -3.20 -11.26
C GLN A 318 0.61 -3.51 -9.96
N THR A 319 0.46 -4.73 -9.45
CA THR A 319 1.14 -5.09 -8.21
C THR A 319 2.67 -5.20 -8.42
N VAL A 320 3.09 -5.90 -9.47
CA VAL A 320 4.53 -6.07 -9.70
C VAL A 320 5.18 -4.73 -10.05
N HIS A 321 4.50 -3.93 -10.90
CA HIS A 321 4.92 -2.55 -11.14
C HIS A 321 5.30 -1.86 -9.84
N SER A 322 4.43 -2.00 -8.83
CA SER A 322 4.68 -1.32 -7.56
C SER A 322 5.82 -1.98 -6.80
N LEU A 323 5.90 -3.31 -6.81
CA LEU A 323 7.04 -3.97 -6.15
C LEU A 323 8.35 -3.52 -6.77
N LEU A 324 8.35 -3.29 -8.09
CA LEU A 324 9.54 -2.82 -8.79
C LEU A 324 9.83 -1.35 -8.55
N GLY A 325 8.97 -0.62 -7.84
CA GLY A 325 9.17 0.80 -7.61
C GLY A 325 8.75 1.72 -8.75
N ASP A 326 8.02 1.22 -9.75
CA ASP A 326 7.56 2.08 -10.84
C ASP A 326 6.53 3.09 -10.32
N PRO A 327 6.38 4.25 -10.98
CA PRO A 327 5.47 5.28 -10.47
C PRO A 327 4.01 4.80 -10.45
N THR A 328 3.29 5.17 -9.40
CA THR A 328 1.91 4.72 -9.28
C THR A 328 0.98 5.53 -10.19
N PRO A 329 -0.06 4.92 -10.74
CA PRO A 329 -1.02 5.68 -11.57
C PRO A 329 -1.87 6.62 -10.72
N ARG A 330 -2.29 7.72 -11.32
CA ARG A 330 -3.19 8.65 -10.63
C ARG A 330 -4.58 8.03 -10.53
N ILE A 331 -5.18 8.10 -9.34
CA ILE A 331 -6.54 7.59 -9.14
C ILE A 331 -7.50 8.80 -9.11
N SER A 332 -8.36 8.90 -10.12
CA SER A 332 -9.29 10.02 -10.16
C SER A 332 -10.67 9.60 -9.63
N GLY A 333 -11.49 10.60 -9.33
CA GLY A 333 -12.86 10.35 -8.97
C GLY A 333 -13.05 9.79 -7.58
N LEU A 334 -12.12 10.02 -6.68
CA LEU A 334 -12.25 9.50 -5.33
C LEU A 334 -13.16 10.41 -4.50
N GLY A 335 -13.81 9.82 -3.51
CA GLY A 335 -14.65 10.57 -2.60
C GLY A 335 -15.04 9.71 -1.42
N THR A 336 -16.20 10.00 -0.80
CA THR A 336 -16.60 9.28 0.40
C THR A 336 -16.77 7.80 0.11
N ALA A 337 -16.45 6.97 1.10
CA ALA A 337 -16.88 5.58 1.06
C ALA A 337 -18.41 5.53 1.07
N CYS A 338 -18.99 4.47 0.53
CA CYS A 338 -20.43 4.37 0.61
C CYS A 338 -20.88 4.06 2.04
N ASP A 339 -22.20 4.21 2.28
CA ASP A 339 -22.76 4.11 3.63
C ASP A 339 -22.52 2.72 4.23
N SER A 340 -22.73 1.66 3.45
CA SER A 340 -22.48 0.32 3.97
C SER A 340 -21.01 0.17 4.41
N ALA A 341 -20.07 0.68 3.59
CA ALA A 341 -18.65 0.61 3.93
C ALA A 341 -18.34 1.44 5.16
N LEU A 342 -18.93 2.64 5.28
CA LEU A 342 -18.71 3.45 6.47
C LEU A 342 -19.25 2.76 7.71
N GLU A 343 -20.38 2.07 7.59
CA GLU A 343 -20.88 1.29 8.72
C GLU A 343 -19.87 0.21 9.11
N SER A 344 -19.39 -0.56 8.12
CA SER A 344 -18.41 -1.62 8.41
C SER A 344 -17.16 -1.03 9.05
N ILE A 345 -16.67 0.09 8.52
CA ILE A 345 -15.43 0.70 9.00
C ILE A 345 -15.62 1.21 10.43
N GLN A 346 -16.74 1.88 10.67
CA GLN A 346 -16.99 2.44 11.99
C GLN A 346 -17.21 1.34 13.02
N ASN A 347 -17.81 0.23 12.60
CA ASN A 347 -18.00 -0.88 13.52
C ASN A 347 -16.69 -1.55 13.87
N VAL A 348 -15.77 -1.70 12.91
CA VAL A 348 -14.53 -2.37 13.24
C VAL A 348 -13.65 -1.46 14.08
N ARG A 349 -13.62 -0.17 13.75
CA ARG A 349 -12.83 0.77 14.57
C ARG A 349 -13.32 0.77 16.02
N ASN A 350 -14.64 0.68 16.21
CA ASN A 350 -15.21 0.67 17.56
C ASN A 350 -14.83 -0.60 18.31
N VAL A 351 -14.98 -1.78 17.69
CA VAL A 351 -14.64 -2.99 18.45
C VAL A 351 -13.13 -3.08 18.65
N GLN A 352 -12.32 -2.51 17.77
CA GLN A 352 -10.87 -2.58 17.93
C GLN A 352 -10.33 -1.47 18.82
N SER A 353 -11.19 -0.58 19.33
CA SER A 353 -10.76 0.56 20.13
C SER A 353 -10.17 0.14 21.47
N SER A 354 -10.46 -1.07 21.93
CA SER A 354 -9.83 -1.59 23.14
C SER A 354 -8.36 -1.98 22.95
N TYR A 355 -7.87 -2.07 21.72
CA TYR A 355 -6.58 -2.74 21.46
C TYR A 355 -5.57 -1.90 20.71
N TRP A 356 -5.96 -0.80 20.08
CA TRP A 356 -5.05 -0.06 19.23
C TRP A 356 -5.14 1.42 19.57
N SER A 357 -3.98 2.08 19.61
CA SER A 357 -3.94 3.47 20.05
C SER A 357 -4.59 4.41 19.05
N SER A 358 -4.59 4.06 17.76
CA SER A 358 -5.22 4.94 16.78
C SER A 358 -6.73 5.03 16.97
N PHE A 359 -7.34 4.04 17.62
CA PHE A 359 -8.78 3.98 17.83
C PHE A 359 -9.19 4.27 19.27
N LYS A 360 -8.21 4.44 20.18
CA LYS A 360 -8.53 4.50 21.60
C LYS A 360 -9.39 5.71 21.96
N HIS A 361 -9.25 6.81 21.22
CA HIS A 361 -10.09 7.98 21.46
C HIS A 361 -11.57 7.68 21.27
N LEU A 362 -11.92 6.60 20.58
CA LEU A 362 -13.32 6.26 20.37
C LEU A 362 -13.99 5.68 21.61
N ALA A 363 -13.23 5.25 22.62
CA ALA A 363 -13.79 4.51 23.75
C ALA A 363 -14.36 5.36 24.87
N GLN A 364 -14.20 6.68 24.83
CA GLN A 364 -14.72 7.52 25.92
C GLN A 364 -15.28 8.82 25.35
N SER A 365 -16.37 9.29 25.96
CA SER A 365 -17.05 10.49 25.46
C SER A 365 -16.16 11.72 25.55
N GLU A 366 -15.24 11.74 26.53
CA GLU A 366 -14.31 12.86 26.66
C GLU A 366 -13.50 13.09 25.39
N THR A 367 -13.30 12.04 24.57
CA THR A 367 -12.41 12.10 23.41
C THR A 367 -13.13 11.76 22.11
N ASN A 368 -14.46 11.84 22.08
CA ASN A 368 -15.27 11.37 20.95
C ASN A 368 -14.99 9.89 20.65
N ASP A 399 -20.52 -7.33 -21.49
CA ASP A 399 -20.28 -7.58 -20.08
C ASP A 399 -19.57 -6.39 -19.43
N ILE A 400 -18.95 -6.64 -18.29
CA ILE A 400 -18.29 -5.57 -17.53
C ILE A 400 -17.01 -5.15 -18.26
N VAL A 401 -16.93 -3.87 -18.62
CA VAL A 401 -15.77 -3.30 -19.28
C VAL A 401 -15.27 -2.10 -18.49
N TRP A 402 -14.01 -1.75 -18.71
CA TRP A 402 -13.36 -0.63 -18.05
C TRP A 402 -12.08 -0.30 -18.81
N PRO A 403 -11.57 0.93 -18.69
CA PRO A 403 -10.43 1.34 -19.52
C PRO A 403 -9.14 0.60 -19.17
N GLU A 404 -8.36 0.29 -20.20
CA GLU A 404 -7.06 -0.35 -20.00
C GLU A 404 -6.12 0.57 -19.23
N PRO A 405 -5.41 0.08 -18.21
CA PRO A 405 -4.51 0.95 -17.44
C PRO A 405 -3.40 1.51 -18.32
N LEU A 406 -3.06 2.78 -18.07
CA LEU A 406 -2.03 3.47 -18.84
C LEU A 406 -0.63 2.95 -18.46
N LYS A 407 0.36 3.39 -19.22
CA LYS A 407 1.71 2.84 -19.10
C LYS A 407 2.42 3.40 -17.87
N ARG A 408 3.16 2.54 -17.17
CA ARG A 408 3.96 2.94 -16.02
C ARG A 408 5.42 2.66 -16.35
N MET A 409 6.16 3.69 -16.81
CA MET A 409 7.56 3.54 -17.17
C MET A 409 8.44 4.10 -16.06
N PRO A 410 9.38 3.33 -15.50
CA PRO A 410 10.32 3.90 -14.53
C PRO A 410 11.17 4.98 -15.18
N ALA A 411 11.39 6.06 -14.43
CA ALA A 411 12.15 7.19 -14.97
C ALA A 411 13.59 6.80 -15.25
N SER A 412 14.15 7.36 -16.33
CA SER A 412 15.55 7.15 -16.72
C SER A 412 16.45 7.40 -15.52
N VAL A 413 16.49 8.64 -15.07
CA VAL A 413 16.94 9.01 -13.75
C VAL A 413 15.71 9.27 -12.90
N ARG A 414 15.59 8.60 -11.76
CA ARG A 414 14.41 8.77 -10.92
C ARG A 414 14.43 10.13 -10.22
N THR A 415 15.54 10.46 -9.57
CA THR A 415 15.62 11.63 -8.71
C THR A 415 16.79 12.52 -9.12
N VAL A 416 16.54 13.83 -9.16
CA VAL A 416 17.58 14.82 -9.39
C VAL A 416 17.76 15.63 -8.11
N VAL A 417 19.00 15.92 -7.76
CA VAL A 417 19.30 16.65 -6.54
C VAL A 417 20.18 17.85 -6.88
N VAL A 418 19.92 18.96 -6.21
CA VAL A 418 20.74 20.16 -6.36
C VAL A 418 21.19 20.57 -4.96
N PRO A 419 22.29 20.01 -4.47
CA PRO A 419 22.83 20.45 -3.17
C PRO A 419 23.37 21.86 -3.29
N PRO A 420 23.80 22.47 -2.18
CA PRO A 420 24.42 23.80 -2.27
C PRO A 420 25.65 23.75 -3.16
N PRO A 421 26.10 24.89 -3.69
CA PRO A 421 27.22 24.87 -4.63
C PRO A 421 28.47 24.28 -3.98
N GLY A 422 29.15 23.41 -4.72
CA GLY A 422 30.34 22.75 -4.24
C GLY A 422 30.08 21.36 -3.67
N VAL A 423 29.15 21.28 -2.71
CA VAL A 423 28.84 20.04 -2.00
C VAL A 423 28.45 18.94 -2.98
N GLU A 424 29.34 17.96 -3.17
CA GLU A 424 29.01 16.74 -3.89
C GLU A 424 28.67 15.66 -2.86
N LEU A 425 27.70 14.82 -3.20
CA LEU A 425 27.19 13.81 -2.28
C LEU A 425 27.28 12.43 -2.90
N THR A 426 27.26 11.42 -2.03
CA THR A 426 27.23 10.03 -2.47
C THR A 426 25.76 9.67 -2.69
N LEU A 427 25.34 9.62 -3.98
CA LEU A 427 23.97 9.42 -4.41
C LEU A 427 23.70 7.97 -4.80
N PRO A 428 22.49 7.49 -4.59
CA PRO A 428 22.12 6.16 -5.10
C PRO A 428 22.28 6.11 -6.62
N LYS A 429 22.39 4.88 -7.13
CA LYS A 429 22.66 4.66 -8.54
C LYS A 429 21.61 5.26 -9.47
N ASN A 430 20.44 5.65 -8.94
CA ASN A 430 19.36 6.20 -9.76
C ASN A 430 19.05 7.66 -9.41
N CYS A 431 19.98 8.37 -8.78
CA CYS A 431 19.92 9.81 -8.61
C CYS A 431 21.10 10.48 -9.29
N GLN A 432 21.01 11.80 -9.45
CA GLN A 432 21.88 12.53 -10.33
C GLN A 432 21.85 14.01 -9.94
N HIS A 433 23.00 14.68 -10.04
CA HIS A 433 23.02 16.13 -9.92
C HIS A 433 22.35 16.76 -11.15
N SER A 434 21.91 18.00 -11.00
CA SER A 434 21.27 18.73 -12.09
C SER A 434 22.14 18.76 -13.36
N ILE A 437 22.14 24.73 -15.82
CA ILE A 437 21.12 25.72 -16.18
C ILE A 437 21.23 26.10 -17.66
N SER A 438 20.23 25.70 -18.45
CA SER A 438 20.23 25.93 -19.88
C SER A 438 20.16 27.43 -20.19
N GLU A 439 20.42 27.75 -21.45
CA GLU A 439 20.32 29.15 -21.88
C GLU A 439 18.87 29.62 -21.87
N SER A 440 17.95 28.76 -22.30
CA SER A 440 16.52 29.10 -22.28
C SER A 440 16.03 29.33 -20.84
N THR A 441 16.45 28.48 -19.91
CA THR A 441 16.02 28.64 -18.52
C THR A 441 16.61 29.91 -17.91
N ALA A 442 17.83 30.26 -18.31
CA ALA A 442 18.44 31.50 -17.81
C ALA A 442 17.66 32.73 -18.27
N LYS A 443 17.14 32.70 -19.51
CA LYS A 443 16.31 33.81 -19.98
C LYS A 443 15.01 33.91 -19.17
N GLU A 444 14.41 32.78 -18.83
CA GLU A 444 13.17 32.80 -18.06
C GLU A 444 13.39 33.35 -16.66
N VAL A 445 14.51 33.00 -16.03
CA VAL A 445 14.81 33.54 -14.71
C VAL A 445 14.89 35.06 -14.76
N GLN A 446 15.59 35.60 -15.78
CA GLN A 446 15.72 37.06 -15.87
C GLN A 446 14.36 37.72 -16.10
N ARG A 447 13.53 37.13 -16.96
CA ARG A 447 12.17 37.62 -17.15
C ARG A 447 11.43 37.71 -15.82
N ILE A 448 11.47 36.63 -15.04
CA ILE A 448 10.72 36.58 -13.79
C ILE A 448 11.22 37.60 -12.79
N ARG A 449 12.55 37.73 -12.66
CA ARG A 449 13.09 38.74 -11.75
C ARG A 449 12.75 40.14 -12.25
N ASP A 450 12.69 40.32 -13.57
CA ASP A 450 12.41 41.65 -14.11
C ASP A 450 10.98 42.07 -13.82
N LYS A 451 10.02 41.14 -13.97
CA LYS A 451 8.62 41.51 -13.74
C LYS A 451 8.26 41.45 -12.26
N HIS A 452 8.61 40.35 -11.57
CA HIS A 452 8.10 40.12 -10.22
C HIS A 452 9.11 40.40 -9.11
N PHE A 453 10.41 40.49 -9.41
CA PHE A 453 11.39 40.73 -8.35
C PHE A 453 12.45 41.76 -8.71
N ASP A 455 14.13 45.07 -5.33
CA ASP A 455 14.51 44.10 -6.34
C ASP A 455 15.59 43.16 -5.81
N LEU A 456 15.76 42.01 -6.46
CA LEU A 456 16.67 40.97 -6.01
C LEU A 456 17.81 40.79 -7.00
N THR A 457 19.04 40.68 -6.46
CA THR A 457 20.19 40.31 -7.27
C THR A 457 21.12 39.32 -6.57
N ASP A 458 20.77 38.84 -5.37
CA ASP A 458 21.51 37.75 -4.75
C ASP A 458 21.70 36.63 -5.76
N GLN A 459 22.93 36.53 -6.31
CA GLN A 459 23.16 35.70 -7.49
C GLN A 459 22.97 34.20 -7.23
N ASN A 460 22.82 33.77 -5.98
CA ASN A 460 22.64 32.34 -5.73
C ASN A 460 21.19 31.97 -5.48
N ILE A 461 20.40 32.85 -4.87
CA ILE A 461 18.97 32.60 -4.77
C ILE A 461 18.35 32.89 -6.13
N LEU A 462 19.15 33.39 -7.07
CA LEU A 462 18.78 33.42 -8.48
C LEU A 462 19.24 32.16 -9.21
N ARG A 463 20.35 31.56 -8.76
CA ARG A 463 20.69 30.21 -9.21
C ARG A 463 19.66 29.20 -8.70
N SER A 464 19.15 29.43 -7.48
CA SER A 464 18.02 28.65 -6.97
C SER A 464 16.90 28.57 -7.99
N LEU A 465 16.49 29.73 -8.50
CA LEU A 465 15.37 29.78 -9.43
C LEU A 465 15.68 29.04 -10.72
N GLY A 466 16.92 29.17 -11.20
CA GLY A 466 17.31 28.40 -12.37
C GLY A 466 17.25 26.91 -12.11
N ASN A 467 17.64 26.49 -10.91
CA ASN A 467 17.60 25.06 -10.59
C ASN A 467 16.17 24.56 -10.47
N ILE A 468 15.32 25.32 -9.78
CA ILE A 468 13.91 24.95 -9.63
C ILE A 468 13.24 24.80 -11.00
N ILE A 469 13.47 25.77 -11.89
CA ILE A 469 12.81 25.71 -13.19
C ILE A 469 13.39 24.58 -14.03
N SER A 470 14.71 24.38 -13.97
CA SER A 470 15.31 23.28 -14.73
C SER A 470 14.79 21.94 -14.25
N VAL A 471 14.76 21.73 -12.93
CA VAL A 471 14.34 20.44 -12.41
C VAL A 471 12.84 20.21 -12.63
N LEU A 472 12.02 21.26 -12.52
CA LEU A 472 10.58 21.09 -12.78
C LEU A 472 10.33 20.72 -14.23
N ASP A 473 11.04 21.36 -15.17
CA ASP A 473 10.88 21.04 -16.57
C ASP A 473 11.29 19.60 -16.86
N ARG A 474 12.34 19.12 -16.20
CA ARG A 474 12.72 17.71 -16.31
C ARG A 474 11.77 16.78 -15.56
N MET A 475 10.85 17.30 -14.76
CA MET A 475 9.87 16.44 -14.13
C MET A 475 8.60 16.33 -14.96
N MET A 476 8.04 17.48 -15.34
CA MET A 476 6.70 17.53 -15.96
C MET A 476 6.77 17.25 -17.46
N ARG A 477 7.33 18.18 -18.23
CA ARG A 477 7.32 18.08 -19.68
C ARG A 477 8.34 17.06 -20.17
N SER A 478 8.76 16.15 -19.28
CA SER A 478 9.93 15.32 -19.54
C SER A 478 9.52 13.89 -19.80
N ASP A 479 9.44 13.02 -18.77
CA ASP A 479 9.33 11.56 -18.76
C ASP A 479 10.66 10.93 -18.35
N GLU A 480 11.75 11.70 -18.47
CA GLU A 480 13.06 11.17 -18.15
C GLU A 480 13.33 11.15 -16.65
N VAL A 481 12.85 12.17 -15.94
CA VAL A 481 13.02 12.32 -14.50
C VAL A 481 11.64 12.25 -13.85
N CYS A 482 11.60 11.70 -12.64
CA CYS A 482 10.36 11.58 -11.87
C CYS A 482 10.21 12.67 -10.82
N ASN A 483 11.19 12.84 -9.95
CA ASN A 483 11.08 13.82 -8.87
C ASN A 483 12.45 14.44 -8.62
N GLY A 484 12.52 15.29 -7.60
CA GLY A 484 13.73 16.07 -7.37
C GLY A 484 13.69 16.80 -6.06
N CYS A 485 14.88 17.19 -5.60
CA CYS A 485 15.06 17.94 -4.37
C CYS A 485 16.06 19.05 -4.61
N VAL A 486 15.70 20.29 -4.24
CA VAL A 486 16.58 21.45 -4.37
C VAL A 486 16.73 22.11 -3.00
N VAL A 487 17.99 22.43 -2.61
CA VAL A 487 18.26 23.23 -1.42
C VAL A 487 18.22 24.70 -1.81
N VAL A 488 17.64 25.55 -0.94
CA VAL A 488 17.39 26.95 -1.28
C VAL A 488 17.67 27.82 -0.07
N SER A 489 17.80 29.13 -0.34
CA SER A 489 17.99 30.15 0.68
C SER A 489 16.69 30.88 1.01
N ASP A 490 16.10 31.56 0.03
CA ASP A 490 14.93 32.40 0.24
C ASP A 490 13.69 31.58 -0.10
N LEU A 491 12.89 31.28 0.92
CA LEU A 491 11.69 30.46 0.72
C LEU A 491 10.67 31.15 -0.17
N SER A 492 10.37 32.42 0.11
CA SER A 492 9.21 33.06 -0.51
C SER A 492 9.36 33.14 -2.03
N VAL A 493 10.53 33.55 -2.51
CA VAL A 493 10.70 33.62 -3.95
C VAL A 493 10.87 32.23 -4.55
N SER A 494 11.51 31.31 -3.82
CA SER A 494 11.65 29.95 -4.31
C SER A 494 10.29 29.27 -4.43
N VAL A 495 9.50 29.31 -3.35
CA VAL A 495 8.17 28.70 -3.36
C VAL A 495 7.31 29.31 -4.46
N GLN A 496 7.26 30.64 -4.51
CA GLN A 496 6.48 31.33 -5.52
C GLN A 496 6.90 30.94 -6.93
N CYS A 497 8.20 30.84 -7.16
CA CYS A 497 8.65 30.48 -8.49
C CYS A 497 8.33 29.03 -8.80
N ALA A 498 8.51 28.12 -7.84
CA ALA A 498 8.15 26.72 -8.09
C ALA A 498 6.66 26.58 -8.34
N LEU A 499 5.85 27.15 -7.46
CA LEU A 499 4.39 27.03 -7.57
C LEU A 499 3.89 27.61 -8.89
N GLN A 500 4.33 28.83 -9.22
CA GLN A 500 3.82 29.50 -10.41
C GLN A 500 4.29 28.82 -11.68
N HIS A 501 5.55 28.34 -11.70
CA HIS A 501 6.00 27.65 -12.91
C HIS A 501 5.25 26.34 -13.10
N ALA A 502 4.94 25.65 -12.00
CA ALA A 502 4.16 24.41 -12.09
C ALA A 502 2.77 24.67 -12.68
N LEU A 503 2.09 25.71 -12.19
CA LEU A 503 0.71 25.95 -12.58
C LEU A 503 0.59 26.23 -14.08
N THR A 504 1.52 27.00 -14.63
CA THR A 504 1.46 27.33 -16.05
C THR A 504 2.01 26.24 -16.96
N GLU A 505 2.62 25.20 -16.39
CA GLU A 505 3.24 24.14 -17.18
C GLU A 505 2.35 23.54 -18.28
N PRO A 506 1.03 23.29 -18.08
CA PRO A 506 0.22 23.39 -16.86
C PRO A 506 -0.02 22.06 -16.14
N ALA A 507 0.20 22.09 -14.82
CA ALA A 507 -0.25 21.06 -13.90
C ALA A 507 -1.56 21.53 -13.28
N GLU A 508 -2.64 20.77 -13.53
CA GLU A 508 -3.98 21.22 -13.14
C GLU A 508 -4.05 21.56 -11.65
N ARG A 509 -3.45 20.73 -10.80
CA ARG A 509 -3.60 20.89 -9.35
C ARG A 509 -2.26 20.60 -8.68
N VAL A 510 -2.00 21.32 -7.60
CA VAL A 510 -0.73 21.19 -6.90
C VAL A 510 -1.02 21.00 -5.43
N LEU A 511 -0.50 19.92 -4.87
CA LEU A 511 -0.53 19.71 -3.43
C LEU A 511 0.77 20.23 -2.85
N VAL A 512 0.65 21.11 -1.86
CA VAL A 512 1.78 21.73 -1.19
C VAL A 512 1.83 21.20 0.23
N VAL A 513 2.98 20.65 0.62
CA VAL A 513 3.19 20.10 1.96
C VAL A 513 4.32 20.88 2.60
N TYR A 514 3.98 21.69 3.61
CA TYR A 514 4.90 22.66 4.18
C TYR A 514 5.10 22.34 5.65
N VAL A 515 6.36 22.13 6.04
CA VAL A 515 6.75 21.95 7.43
C VAL A 515 7.45 23.24 7.86
N GLY A 516 6.79 24.00 8.70
CA GLY A 516 7.32 25.27 9.16
C GLY A 516 6.19 26.22 9.50
N ASP A 517 6.59 27.41 9.93
CA ASP A 517 5.66 28.44 10.38
C ASP A 517 5.67 29.62 9.42
N GLY A 518 4.82 30.59 9.72
CA GLY A 518 4.69 31.74 8.84
C GLY A 518 3.89 31.39 7.61
N GLU A 519 3.67 32.40 6.78
CA GLU A 519 2.79 32.27 5.63
C GLU A 519 3.60 32.32 4.34
N LEU A 520 3.26 31.44 3.42
CA LEU A 520 3.93 31.32 2.14
C LEU A 520 3.20 32.11 1.08
N PRO A 521 3.90 32.49 0.00
CA PRO A 521 3.22 33.08 -1.16
C PRO A 521 2.36 32.06 -1.90
N VAL A 522 1.36 31.53 -1.21
CA VAL A 522 0.52 30.45 -1.74
C VAL A 522 -0.93 30.88 -1.62
N LYS A 523 -1.66 30.87 -2.73
CA LYS A 523 -3.07 31.22 -2.77
C LYS A 523 -3.90 29.96 -2.95
N THR A 524 -4.85 29.73 -2.04
CA THR A 524 -5.73 28.57 -2.06
C THR A 524 -7.19 28.95 -2.35
N ASN A 525 -7.39 29.97 -3.18
CA ASN A 525 -8.71 30.56 -3.37
C ASN A 525 -9.29 30.24 -4.75
N ASP A 526 -8.76 29.25 -5.43
CA ASP A 526 -9.28 28.91 -6.74
C ASP A 526 -9.44 27.41 -6.95
N GLY A 527 -9.12 26.59 -5.95
CA GLY A 527 -9.24 25.17 -6.06
C GLY A 527 -8.05 24.44 -6.65
N LYS A 528 -7.08 25.14 -7.25
CA LYS A 528 -5.99 24.42 -7.88
C LYS A 528 -4.87 24.08 -6.91
N VAL A 529 -4.90 24.59 -5.69
CA VAL A 529 -3.87 24.32 -4.68
C VAL A 529 -4.54 23.82 -3.41
N PHE A 530 -4.04 22.73 -2.86
CA PHE A 530 -4.34 22.35 -1.48
C PHE A 530 -3.07 22.43 -0.66
N LEU A 531 -3.13 23.12 0.47
CA LEU A 531 -1.97 23.35 1.31
C LEU A 531 -2.12 22.56 2.61
N VAL A 532 -1.23 21.58 2.80
CA VAL A 532 -1.02 20.95 4.11
C VAL A 532 0.13 21.66 4.80
N GLN A 533 -0.06 22.03 6.06
CA GLN A 533 0.97 22.73 6.81
C GLN A 533 1.13 22.11 8.18
N ILE A 534 2.33 21.65 8.49
CA ILE A 534 2.70 21.15 9.80
C ILE A 534 3.54 22.21 10.49
N CYS A 535 3.02 22.76 11.58
CA CYS A 535 3.60 23.95 12.17
C CYS A 535 3.63 23.81 13.68
N THR A 536 4.22 24.82 14.33
CA THR A 536 4.40 24.82 15.79
C THR A 536 3.43 25.74 16.51
N LYS A 537 2.83 26.71 15.82
CA LYS A 537 1.89 27.65 16.42
C LYS A 537 0.48 27.31 15.95
N GLU A 538 -0.45 27.21 16.89
CA GLU A 538 -1.81 26.77 16.60
C GLU A 538 -2.54 27.84 15.79
N THR A 539 -2.81 27.54 14.52
CA THR A 539 -3.48 28.45 13.61
C THR A 539 -4.93 28.01 13.39
N GLU A 540 -5.85 28.98 13.38
CA GLU A 540 -7.22 28.69 13.02
C GLU A 540 -7.34 28.61 11.51
N ASP A 541 -7.81 27.46 11.01
CA ASP A 541 -8.09 27.31 9.58
C ASP A 541 -9.40 28.00 9.25
N LYS A 542 -9.51 28.47 8.01
CA LYS A 542 -10.75 29.12 7.59
C LYS A 542 -11.48 28.38 6.47
N CYS A 543 -10.77 27.88 5.48
CA CYS A 543 -11.43 27.32 4.29
C CYS A 543 -10.90 25.92 4.02
N VAL A 544 -11.63 25.21 3.19
CA VAL A 544 -11.51 23.76 3.14
C VAL A 544 -10.41 23.33 2.18
N ASN A 545 -9.53 24.26 1.80
CA ASN A 545 -8.42 23.90 0.93
C ASN A 545 -7.09 24.00 1.65
N ARG A 546 -7.12 24.05 2.97
CA ARG A 546 -5.95 24.10 3.81
C ARG A 546 -6.18 23.17 5.00
N LEU A 547 -5.16 22.40 5.33
CA LEU A 547 -5.15 21.53 6.50
C LEU A 547 -3.91 21.93 7.31
N THR A 548 -4.15 22.48 8.49
CA THR A 548 -3.09 23.01 9.34
C THR A 548 -3.02 22.20 10.61
N LEU A 549 -1.88 21.55 10.83
CA LEU A 549 -1.68 20.63 11.94
C LEU A 549 -0.62 21.21 12.86
N CYS A 550 -1.02 21.59 14.07
CA CYS A 550 -0.08 22.05 15.08
C CYS A 550 0.06 20.95 16.12
N LEU A 551 1.19 20.25 16.07
CA LEU A 551 1.40 19.13 16.97
C LEU A 551 2.34 19.53 18.12
N ARG A 552 2.02 19.02 19.32
CA ARG A 552 2.70 19.42 20.54
C ARG A 552 4.14 18.91 20.57
N GLU A 553 4.91 19.44 21.53
CA GLU A 553 6.32 19.14 21.66
C GLU A 553 6.53 18.01 22.66
N GLY A 554 7.44 17.10 22.31
CA GLY A 554 7.80 16.01 23.20
C GLY A 554 7.95 14.71 22.44
N GLU A 555 7.81 13.62 23.19
CA GLU A 555 8.12 12.30 22.67
C GLU A 555 7.07 11.80 21.68
N SER A 556 5.81 12.22 21.83
CA SER A 556 4.72 11.67 21.04
C SER A 556 4.54 12.35 19.69
N LEU A 557 5.47 13.22 19.29
CA LEU A 557 5.35 13.89 18.00
C LEU A 557 5.35 12.88 16.85
N THR A 558 6.06 11.77 17.01
CA THR A 558 6.15 10.79 15.93
C THR A 558 4.81 10.10 15.69
N ALA A 559 4.21 9.54 16.74
CA ALA A 559 2.91 8.87 16.59
C ALA A 559 1.84 9.85 16.15
N GLY A 560 1.84 11.07 16.69
CA GLY A 560 0.88 12.06 16.27
C GLY A 560 1.00 12.39 14.79
N PHE A 561 2.23 12.56 14.29
CA PHE A 561 2.43 12.84 12.88
C PHE A 561 1.89 11.70 12.01
N MET A 562 2.23 10.46 12.39
CA MET A 562 1.79 9.32 11.59
C MET A 562 0.26 9.20 11.60
N GLN A 563 -0.37 9.41 12.75
CA GLN A 563 -1.82 9.42 12.81
C GLN A 563 -2.39 10.47 11.85
N ALA A 564 -1.81 11.68 11.85
CA ALA A 564 -2.25 12.73 10.93
C ALA A 564 -2.01 12.32 9.48
N LEU A 565 -0.85 11.73 9.19
CA LEU A 565 -0.53 11.37 7.81
C LEU A 565 -1.52 10.34 7.26
N LEU A 566 -1.81 9.31 8.05
CA LEU A 566 -2.63 8.20 7.54
C LEU A 566 -4.09 8.56 7.54
N GLY A 567 -4.54 9.37 8.49
CA GLY A 567 -5.95 9.57 8.72
C GLY A 567 -6.48 10.88 8.17
N LEU A 568 -5.60 11.86 7.96
CA LEU A 568 -5.96 13.17 7.42
C LEU A 568 -5.26 13.49 6.11
N ILE A 569 -3.93 13.48 6.08
CA ILE A 569 -3.21 14.00 4.92
C ILE A 569 -3.45 13.15 3.69
N LEU A 570 -3.21 11.84 3.79
CA LEU A 570 -3.38 10.97 2.64
C LEU A 570 -4.82 10.90 2.13
N PRO A 571 -5.86 10.83 2.97
CA PRO A 571 -7.22 10.89 2.42
C PRO A 571 -7.48 12.12 1.59
N VAL A 572 -7.16 13.31 2.13
CA VAL A 572 -7.39 14.54 1.36
C VAL A 572 -6.54 14.53 0.09
N ALA A 573 -5.27 14.14 0.21
CA ALA A 573 -4.37 14.23 -0.94
C ALA A 573 -4.84 13.32 -2.06
N TYR A 574 -5.25 12.10 -1.70
CA TYR A 574 -5.78 11.17 -2.69
C TYR A 574 -7.06 11.70 -3.34
N GLU A 575 -7.96 12.30 -2.55
CA GLU A 575 -9.17 12.84 -3.17
C GLU A 575 -8.83 14.04 -4.06
N PHE A 576 -7.95 14.91 -3.58
CA PHE A 576 -7.49 16.06 -4.37
C PHE A 576 -6.88 15.64 -5.71
N ASN A 577 -6.08 14.57 -5.71
CA ASN A 577 -5.46 14.03 -6.93
C ASN A 577 -4.59 15.09 -7.60
N PRO A 578 -3.52 15.56 -6.96
CA PRO A 578 -2.70 16.61 -7.57
C PRO A 578 -1.94 16.09 -8.77
N ALA A 579 -1.52 17.02 -9.61
CA ALA A 579 -0.60 16.68 -10.70
C ALA A 579 0.85 16.91 -10.30
N LEU A 580 1.08 17.58 -9.19
CA LEU A 580 2.41 17.80 -8.68
C LEU A 580 2.32 17.94 -7.17
N VAL A 581 3.30 17.39 -6.47
CA VAL A 581 3.43 17.58 -5.04
C VAL A 581 4.63 18.48 -4.78
N LEU A 582 4.41 19.56 -4.06
CA LEU A 582 5.46 20.49 -3.67
C LEU A 582 5.68 20.37 -2.17
N GLY A 583 6.87 19.93 -1.78
CA GLY A 583 7.24 19.83 -0.37
C GLY A 583 8.20 20.94 0.01
N ILE A 584 8.05 21.46 1.23
CA ILE A 584 8.79 22.64 1.66
C ILE A 584 9.11 22.48 3.14
N VAL A 585 10.40 22.57 3.49
CA VAL A 585 10.87 22.49 4.86
C VAL A 585 11.68 23.76 5.14
N GLU A 586 11.28 24.50 6.17
CA GLU A 586 12.06 25.65 6.61
C GLU A 586 13.12 25.20 7.60
N GLU A 587 14.19 26.01 7.69
CA GLU A 587 15.45 25.59 8.29
C GLU A 587 15.27 24.94 9.66
N THR A 588 14.47 25.54 10.54
CA THR A 588 14.25 24.95 11.86
C THR A 588 13.14 23.90 11.85
N THR A 592 13.12 19.62 13.69
CA THR A 592 14.10 18.57 13.40
C THR A 592 13.71 17.26 14.11
N ARG A 593 12.59 17.29 14.83
CA ARG A 593 12.02 16.07 15.39
C ARG A 593 11.22 15.30 14.35
N LEU A 594 10.71 16.00 13.33
CA LEU A 594 10.12 15.33 12.19
C LEU A 594 11.16 14.63 11.32
N MET A 595 12.45 14.83 11.58
CA MET A 595 13.50 14.15 10.84
C MET A 595 13.40 12.64 10.99
N ARG A 596 12.45 12.16 11.79
CA ARG A 596 12.18 10.73 11.90
C ARG A 596 10.94 10.28 11.15
N VAL A 597 10.09 11.21 10.70
CA VAL A 597 8.91 10.86 9.91
C VAL A 597 9.01 11.32 8.47
N TRP A 598 9.99 12.16 8.13
CA TRP A 598 10.02 12.74 6.80
C TRP A 598 10.16 11.66 5.73
N GLY A 599 10.96 10.63 5.98
CA GLY A 599 11.09 9.56 5.00
C GLY A 599 9.79 8.82 4.71
N HIS A 600 9.02 8.51 5.76
CA HIS A 600 7.73 7.84 5.56
C HIS A 600 6.77 8.72 4.77
N MET A 601 6.77 10.02 5.05
CA MET A 601 5.85 10.88 4.32
C MET A 601 6.25 10.97 2.85
N THR A 602 7.54 11.19 2.56
CA THR A 602 7.85 11.38 1.15
C THR A 602 7.76 10.08 0.37
N CYS A 603 7.89 8.93 1.04
CA CYS A 603 7.58 7.67 0.38
C CYS A 603 6.09 7.52 0.10
N LEU A 604 5.26 7.71 1.12
CA LEU A 604 3.81 7.55 0.92
C LEU A 604 3.23 8.62 0.00
N ILE A 605 3.66 9.88 0.16
CA ILE A 605 3.15 10.95 -0.70
C ILE A 605 3.43 10.69 -2.17
N GLN A 606 4.41 9.82 -2.50
CA GLN A 606 4.63 9.51 -3.92
C GLN A 606 3.53 8.68 -4.54
N GLY A 607 2.52 8.26 -3.77
CA GLY A 607 1.34 7.71 -4.41
C GLY A 607 0.49 8.74 -5.14
N LEU A 608 0.76 10.03 -4.96
CA LEU A 608 0.05 11.07 -5.69
C LEU A 608 0.92 11.58 -6.84
N ALA A 609 0.26 12.15 -7.85
CA ALA A 609 0.93 12.82 -8.95
C ALA A 609 1.95 11.92 -9.65
N ARG A 610 1.74 10.60 -9.63
CA ARG A 610 2.66 9.63 -10.24
C ARG A 610 4.06 9.77 -9.68
N GLY A 611 4.15 10.10 -8.39
CA GLY A 611 5.44 10.27 -7.76
C GLY A 611 6.15 11.55 -8.11
N ARG A 612 5.54 12.41 -8.92
CA ARG A 612 6.15 13.68 -9.31
C ARG A 612 6.13 14.67 -8.15
N MET A 613 7.23 14.70 -7.39
CA MET A 613 7.35 15.55 -6.21
C MET A 613 8.65 16.36 -6.28
N LEU A 614 8.54 17.67 -6.05
CA LEU A 614 9.69 18.55 -5.90
C LEU A 614 9.74 19.00 -4.45
N THR A 615 10.84 18.70 -3.77
CA THR A 615 11.04 19.11 -2.39
C THR A 615 12.07 20.22 -2.31
N LEU A 616 11.69 21.32 -1.66
CA LEU A 616 12.58 22.45 -1.41
C LEU A 616 12.99 22.39 0.06
N LEU A 617 14.30 22.29 0.31
CA LEU A 617 14.82 22.31 1.67
C LEU A 617 15.54 23.63 1.88
N GLN A 618 15.14 24.37 2.91
CA GLN A 618 15.72 25.68 3.17
C GLN A 618 16.96 25.49 4.03
N GLY A 619 18.13 25.72 3.45
CA GLY A 619 19.38 25.50 4.16
C GLY A 619 19.84 24.06 4.05
N TYR A 620 21.15 23.89 4.16
CA TYR A 620 21.78 22.58 4.01
C TYR A 620 21.78 21.84 5.35
N ASP A 621 21.07 20.72 5.40
CA ASP A 621 21.17 19.75 6.49
C ASP A 621 21.43 18.42 5.80
N LYS A 622 22.63 17.86 5.98
CA LYS A 622 23.04 16.73 5.13
C LYS A 622 22.21 15.49 5.43
N ASP A 623 21.89 15.27 6.71
CA ASP A 623 21.07 14.12 7.06
C ASP A 623 19.69 14.21 6.41
N LEU A 624 19.02 15.35 6.57
CA LEU A 624 17.69 15.50 6.00
C LEU A 624 17.74 15.41 4.48
N LEU A 625 18.73 16.07 3.86
CA LEU A 625 18.86 16.00 2.41
C LEU A 625 19.06 14.56 1.94
N GLU A 626 19.96 13.82 2.60
CA GLU A 626 20.25 12.46 2.16
C GLU A 626 19.05 11.55 2.38
N LEU A 627 18.31 11.79 3.46
CA LEU A 627 17.08 11.03 3.70
C LEU A 627 16.02 11.35 2.65
N THR A 628 15.84 12.63 2.32
CA THR A 628 14.87 13.02 1.31
C THR A 628 15.17 12.36 -0.03
N VAL A 629 16.43 12.44 -0.46
CA VAL A 629 16.85 11.80 -1.70
C VAL A 629 16.67 10.29 -1.62
N SER A 630 16.99 9.70 -0.47
CA SER A 630 16.79 8.27 -0.26
C SER A 630 15.35 7.88 -0.55
N ALA A 631 14.39 8.58 0.06
CA ALA A 631 13.00 8.18 -0.10
C ALA A 631 12.46 8.57 -1.47
N LEU A 632 12.84 9.73 -1.98
CA LEU A 632 12.40 10.10 -3.33
C LEU A 632 12.88 9.08 -4.36
N SER A 633 14.02 8.44 -4.12
CA SER A 633 14.61 7.53 -5.10
C SER A 633 14.07 6.11 -5.02
N GLY A 634 13.15 5.83 -4.10
CA GLY A 634 12.58 4.50 -3.99
C GLY A 634 13.32 3.54 -3.09
N ALA A 635 14.30 4.01 -2.33
CA ALA A 635 14.99 3.14 -1.37
C ALA A 635 14.06 2.79 -0.22
N SER A 636 14.42 1.73 0.51
CA SER A 636 13.57 1.28 1.60
C SER A 636 13.63 2.28 2.75
N ILE A 637 12.52 2.42 3.45
CA ILE A 637 12.41 3.31 4.59
C ILE A 637 12.69 2.51 5.85
N SER A 638 13.52 3.06 6.72
CA SER A 638 13.81 2.37 7.97
C SER A 638 12.58 2.38 8.87
N PRO A 639 12.34 1.30 9.63
CA PRO A 639 11.13 1.24 10.47
C PRO A 639 11.15 2.28 11.56
N LEU A 640 9.95 2.62 12.04
CA LEU A 640 9.80 3.56 13.13
C LEU A 640 9.94 2.93 14.51
N GLY A 641 9.83 1.60 14.61
CA GLY A 641 9.72 0.95 15.88
C GLY A 641 8.26 0.92 16.30
N PRO A 642 7.87 -0.05 17.12
CA PRO A 642 6.49 -0.07 17.62
C PRO A 642 6.11 1.29 18.19
N LEU A 643 4.98 1.81 17.73
CA LEU A 643 4.64 3.21 17.96
C LEU A 643 4.03 3.40 19.35
N ARG A 644 4.44 4.50 20.00
CA ARG A 644 3.86 4.93 21.26
C ARG A 644 2.39 5.33 21.12
N ALA A 645 1.88 6.08 22.09
CA ALA A 645 0.55 6.65 21.96
C ALA A 645 0.64 8.14 21.67
N PRO A 646 -0.16 8.65 20.74
CA PRO A 646 -0.21 10.10 20.53
C PRO A 646 -0.88 10.79 21.71
N LYS A 647 -0.52 12.05 21.92
CA LYS A 647 -1.11 12.82 23.00
C LYS A 647 -2.60 13.07 22.73
N PRO A 648 -3.47 12.97 23.73
CA PRO A 648 -4.89 13.22 23.50
C PRO A 648 -5.16 14.61 22.96
N GLU A 649 -4.34 15.58 23.37
CA GLU A 649 -4.41 16.93 22.83
C GLU A 649 -4.32 16.91 21.31
N ASP A 650 -3.39 16.11 20.77
CA ASP A 650 -3.18 16.06 19.33
C ASP A 650 -4.32 15.33 18.63
N VAL A 651 -4.83 14.26 19.25
CA VAL A 651 -5.94 13.53 18.65
C VAL A 651 -7.18 14.42 18.56
N GLU A 652 -7.44 15.22 19.61
CA GLU A 652 -8.56 16.15 19.56
C GLU A 652 -8.38 17.15 18.42
N MET A 653 -7.18 17.72 18.28
CA MET A 653 -6.88 18.62 17.17
C MET A 653 -7.16 17.95 15.83
N MET A 654 -6.74 16.69 15.68
CA MET A 654 -6.89 16.01 14.40
C MET A 654 -8.35 15.72 14.07
N GLU A 655 -9.15 15.32 15.06
CA GLU A 655 -10.55 15.01 14.80
C GLU A 655 -11.35 16.28 14.54
N LYS A 656 -10.98 17.40 15.17
CA LYS A 656 -11.61 18.67 14.79
C LYS A 656 -11.31 19.02 13.34
N GLN A 657 -10.09 18.73 12.89
CA GLN A 657 -9.79 18.93 11.46
C GLN A 657 -10.66 18.03 10.59
N ARG A 658 -10.80 16.76 10.97
CA ARG A 658 -11.66 15.86 10.19
C ARG A 658 -13.09 16.39 10.13
N GLN A 659 -13.64 16.82 11.26
CA GLN A 659 -15.03 17.30 11.27
C GLN A 659 -15.18 18.52 10.37
N ARG A 660 -14.16 19.38 10.34
CA ARG A 660 -14.18 20.60 9.53
C ARG A 660 -14.06 20.31 8.04
N LEU A 661 -13.35 19.24 7.67
CA LEU A 661 -13.05 19.02 6.26
C LEU A 661 -13.82 17.88 5.60
N GLN A 662 -14.41 16.98 6.38
CA GLN A 662 -14.92 15.74 5.77
C GLN A 662 -16.17 15.99 4.92
N GLU A 663 -16.90 17.08 5.13
CA GLU A 663 -18.03 17.37 4.24
C GLU A 663 -17.54 17.73 2.85
N ARG A 664 -16.42 18.44 2.76
CA ARG A 664 -15.82 18.71 1.46
C ARG A 664 -15.05 17.51 0.94
N TRP A 665 -14.26 16.88 1.79
CA TRP A 665 -13.39 15.77 1.39
C TRP A 665 -13.90 14.50 2.06
N GLY A 666 -14.81 13.80 1.37
CA GLY A 666 -15.49 12.66 1.96
C GLY A 666 -14.61 11.44 2.22
N LEU A 667 -13.48 11.31 1.51
CA LEU A 667 -12.57 10.22 1.83
C LEU A 667 -12.04 10.32 3.25
N LEU A 668 -12.19 11.47 3.90
CA LEU A 668 -11.85 11.61 5.31
C LEU A 668 -12.78 10.85 6.25
N ARG A 669 -13.96 10.44 5.77
CA ARG A 669 -14.99 9.92 6.67
C ARG A 669 -14.64 8.52 7.15
N CYS A 670 -14.77 8.30 8.46
CA CYS A 670 -14.68 6.97 9.03
C CYS A 670 -15.88 6.67 9.93
N THR A 671 -17.00 7.36 9.67
CA THR A 671 -18.29 7.11 10.32
C THR A 671 -19.40 7.37 9.31
N VAL A 672 -20.57 6.79 9.56
CA VAL A 672 -21.73 7.14 8.75
C VAL A 672 -22.21 8.53 9.13
N SER A 673 -22.50 9.35 8.12
CA SER A 673 -22.99 10.70 8.38
C SER A 673 -24.43 10.66 8.87
N GLU A 674 -24.80 11.66 9.65
CA GLU A 674 -26.17 11.78 10.13
C GLU A 674 -27.07 12.32 9.02
N SER A 675 -28.19 11.65 8.78
CA SER A 675 -29.19 12.15 7.86
C SER A 675 -30.04 13.23 8.54
N TRP A 676 -30.59 14.12 7.72
CA TRP A 676 -31.48 15.17 8.24
C TRP A 676 -32.76 14.52 8.77
#